data_1VM3
# 
_entry.id   1VM3 
# 
_audit_conform.dict_name       mmcif_pdbx.dic 
_audit_conform.dict_version    5.398 
_audit_conform.dict_location   http://mmcif.pdb.org/dictionaries/ascii/mmcif_pdbx.dic 
# 
loop_
_database_2.database_id 
_database_2.database_code 
_database_2.pdbx_database_accession 
_database_2.pdbx_DOI 
PDB   1VM3         pdb_00001vm3 10.2210/pdb1vm3/pdb 
RCSB  RCSB001999   ?            ?                   
WWPDB D_1000001999 ?            ?                   
# 
loop_
_pdbx_audit_revision_history.ordinal 
_pdbx_audit_revision_history.data_content_type 
_pdbx_audit_revision_history.major_revision 
_pdbx_audit_revision_history.minor_revision 
_pdbx_audit_revision_history.revision_date 
1 'Structure model' 1 0 2004-12-07 
2 'Structure model' 1 1 2008-04-26 
3 'Structure model' 1 2 2011-07-13 
4 'Structure model' 1 3 2020-06-24 
5 'Structure model' 1 4 2023-12-27 
6 'Structure model' 1 5 2024-11-13 
# 
_pdbx_audit_revision_details.ordinal             1 
_pdbx_audit_revision_details.revision_ordinal    1 
_pdbx_audit_revision_details.data_content_type   'Structure model' 
_pdbx_audit_revision_details.provider            repository 
_pdbx_audit_revision_details.type                'Initial release' 
_pdbx_audit_revision_details.description         ? 
_pdbx_audit_revision_details.details             ? 
# 
loop_
_pdbx_audit_revision_group.ordinal 
_pdbx_audit_revision_group.revision_ordinal 
_pdbx_audit_revision_group.data_content_type 
_pdbx_audit_revision_group.group 
1 2 'Structure model' 'Version format compliance' 
2 3 'Structure model' 'Version format compliance' 
3 4 'Structure model' 'Database references'       
4 4 'Structure model' 'Derived calculations'      
5 4 'Structure model' 'Source and taxonomy'       
6 5 'Structure model' 'Data collection'           
7 5 'Structure model' 'Database references'       
8 5 'Structure model' 'Derived calculations'      
9 6 'Structure model' 'Structure summary'         
# 
loop_
_pdbx_audit_revision_category.ordinal 
_pdbx_audit_revision_category.revision_ordinal 
_pdbx_audit_revision_category.data_content_type 
_pdbx_audit_revision_category.category 
1  4 'Structure model' pdbx_entity_src_syn       
2  4 'Structure model' pdbx_struct_assembly      
3  4 'Structure model' pdbx_struct_oper_list     
4  4 'Structure model' struct_conn               
5  4 'Structure model' struct_ref                
6  4 'Structure model' struct_ref_seq            
7  5 'Structure model' chem_comp_atom            
8  5 'Structure model' chem_comp_bond            
9  5 'Structure model' database_2                
10 5 'Structure model' struct_site               
11 6 'Structure model' pdbx_entry_details        
12 6 'Structure model' pdbx_modification_feature 
# 
loop_
_pdbx_audit_revision_item.ordinal 
_pdbx_audit_revision_item.revision_ordinal 
_pdbx_audit_revision_item.data_content_type 
_pdbx_audit_revision_item.item 
1  4 'Structure model' '_pdbx_entity_src_syn.ncbi_taxonomy_id'    
2  4 'Structure model' '_pdbx_entity_src_syn.organism_scientific' 
3  4 'Structure model' '_pdbx_entity_src_syn.pdbx_beg_seq_num'    
4  4 'Structure model' '_pdbx_entity_src_syn.pdbx_end_seq_num'    
5  4 'Structure model' '_struct_conn.pdbx_leaving_atom_flag'      
6  5 'Structure model' '_database_2.pdbx_DOI'                     
7  5 'Structure model' '_database_2.pdbx_database_accession'      
8  5 'Structure model' '_struct_site.pdbx_auth_asym_id'           
9  5 'Structure model' '_struct_site.pdbx_auth_comp_id'           
10 5 'Structure model' '_struct_site.pdbx_auth_seq_id'            
# 
_pdbx_database_status.entry_id                        1VM3 
_pdbx_database_status.status_code                     REL 
_pdbx_database_status.deposit_site                    RCSB 
_pdbx_database_status.process_site                    RCSB 
_pdbx_database_status.recvd_initial_deposition_date   2004-08-31 
_pdbx_database_status.status_code_sf                  ? 
_pdbx_database_status.status_code_mr                  REL 
_pdbx_database_status.SG_entry                        ? 
_pdbx_database_status.pdb_format_compatible           Y 
_pdbx_database_status.status_code_cs                  ? 
_pdbx_database_status.status_code_nmr_data            ? 
_pdbx_database_status.methods_development_category    ? 
# 
loop_
_pdbx_database_related.db_name 
_pdbx_database_related.db_id 
_pdbx_database_related.details 
_pdbx_database_related.content_type 
PDB 1O53 'NMR structure of the membrane anchor' unspecified 
PDB 1vm2 .                                      unspecified 
PDB 1vm4 .                                      unspecified 
PDB 1vm5 .                                      unspecified 
# 
loop_
_audit_author.name 
_audit_author.pdbx_ordinal 
'Wang, G.' 1 
'Li, X.'   2 
# 
_citation.id                        primary 
_citation.title                     
;Correlation of Three-dimensional Structures with the Antibacterial Activity of a Group of Peptides Designed Based on a Nontoxic Bacterial Membrane Anchor.
;
_citation.journal_abbrev            J.Biol.Chem. 
_citation.journal_volume            280 
_citation.page_first                5803 
_citation.page_last                 5811 
_citation.year                      2005 
_citation.journal_id_ASTM           JBCHA3 
_citation.country                   US 
_citation.journal_id_ISSN           0021-9258 
_citation.journal_id_CSD            0071 
_citation.book_publisher            ? 
_citation.pdbx_database_id_PubMed   15572363 
_citation.pdbx_database_id_DOI      10.1074/jbc.M410116200 
# 
loop_
_citation_author.citation_id 
_citation_author.name 
_citation_author.ordinal 
_citation_author.identifier_ORCID 
primary 'Wang, G.' 1 ? 
primary 'Li, Y.'   2 ? 
primary 'Li, X.'   3 ? 
# 
_entity.id                         1 
_entity.type                       polymer 
_entity.src_method                 syn 
_entity.pdbx_description           'peptide A3' 
_entity.formula_weight             1438.668 
_entity.pdbx_number_of_molecules   1 
_entity.pdbx_ec                    ? 
_entity.pdbx_mutation              ? 
_entity.pdbx_fragment              ? 
_entity.details                    ? 
# 
_entity_poly.entity_id                      1 
_entity_poly.type                           'polypeptide(L)' 
_entity_poly.nstd_linkage                   no 
_entity_poly.nstd_monomer                   yes 
_entity_poly.pdbx_seq_one_letter_code       'GLFDIVKSLVSDF(NH2)' 
_entity_poly.pdbx_seq_one_letter_code_can   GLFDIVKSLVSDFX 
_entity_poly.pdbx_strand_id                 A 
_entity_poly.pdbx_target_identifier         ? 
# 
loop_
_entity_poly_seq.entity_id 
_entity_poly_seq.num 
_entity_poly_seq.mon_id 
_entity_poly_seq.hetero 
1 1  GLY n 
1 2  LEU n 
1 3  PHE n 
1 4  ASP n 
1 5  ILE n 
1 6  VAL n 
1 7  LYS n 
1 8  SER n 
1 9  LEU n 
1 10 VAL n 
1 11 SER n 
1 12 ASP n 
1 13 PHE n 
1 14 NH2 n 
# 
_pdbx_entity_src_syn.entity_id              1 
_pdbx_entity_src_syn.pdbx_src_id            1 
_pdbx_entity_src_syn.pdbx_alt_source_flag   sample 
_pdbx_entity_src_syn.pdbx_beg_seq_num       1 
_pdbx_entity_src_syn.pdbx_end_seq_num       14 
_pdbx_entity_src_syn.organism_scientific    'synthetic construct' 
_pdbx_entity_src_syn.organism_common_name   ? 
_pdbx_entity_src_syn.ncbi_taxonomy_id       32630 
_pdbx_entity_src_syn.details                'The peptide was synthesized using the solid-phase method and purified by HPLC.' 
# 
loop_
_chem_comp.id 
_chem_comp.type 
_chem_comp.mon_nstd_flag 
_chem_comp.name 
_chem_comp.pdbx_synonyms 
_chem_comp.formula 
_chem_comp.formula_weight 
ASP 'L-peptide linking' y 'ASPARTIC ACID' ? 'C4 H7 N O4'     133.103 
GLY 'peptide linking'   y GLYCINE         ? 'C2 H5 N O2'     75.067  
ILE 'L-peptide linking' y ISOLEUCINE      ? 'C6 H13 N O2'    131.173 
LEU 'L-peptide linking' y LEUCINE         ? 'C6 H13 N O2'    131.173 
LYS 'L-peptide linking' y LYSINE          ? 'C6 H15 N2 O2 1' 147.195 
NH2 non-polymer         . 'AMINO GROUP'   ? 'H2 N'           16.023  
PHE 'L-peptide linking' y PHENYLALANINE   ? 'C9 H11 N O2'    165.189 
SER 'L-peptide linking' y SERINE          ? 'C3 H7 N O3'     105.093 
VAL 'L-peptide linking' y VALINE          ? 'C5 H11 N O2'    117.146 
# 
loop_
_pdbx_poly_seq_scheme.asym_id 
_pdbx_poly_seq_scheme.entity_id 
_pdbx_poly_seq_scheme.seq_id 
_pdbx_poly_seq_scheme.mon_id 
_pdbx_poly_seq_scheme.ndb_seq_num 
_pdbx_poly_seq_scheme.pdb_seq_num 
_pdbx_poly_seq_scheme.auth_seq_num 
_pdbx_poly_seq_scheme.pdb_mon_id 
_pdbx_poly_seq_scheme.auth_mon_id 
_pdbx_poly_seq_scheme.pdb_strand_id 
_pdbx_poly_seq_scheme.pdb_ins_code 
_pdbx_poly_seq_scheme.hetero 
A 1 1  GLY 1  1  1  GLY GLY A . n 
A 1 2  LEU 2  2  2  LEU LEU A . n 
A 1 3  PHE 3  3  3  PHE PHE A . n 
A 1 4  ASP 4  4  4  ASP ASP A . n 
A 1 5  ILE 5  5  5  ILE ILE A . n 
A 1 6  VAL 6  6  6  VAL VAL A . n 
A 1 7  LYS 7  7  7  LYS LYS A . n 
A 1 8  SER 8  8  8  SER SER A . n 
A 1 9  LEU 9  9  9  LEU LEU A . n 
A 1 10 VAL 10 10 10 VAL VAL A . n 
A 1 11 SER 11 11 11 SER SER A . n 
A 1 12 ASP 12 12 12 ASP ASP A . n 
A 1 13 PHE 13 13 13 PHE PHE A . n 
A 1 14 NH2 14 14 14 NH2 NH2 A . n 
# 
_cell.entry_id           1VM3 
_cell.length_a           1.000 
_cell.length_b           1.000 
_cell.length_c           1.000 
_cell.angle_alpha        90.00 
_cell.angle_beta         90.00 
_cell.angle_gamma        90.00 
_cell.Z_PDB              1 
_cell.pdbx_unique_axis   ? 
# 
_symmetry.entry_id                         1VM3 
_symmetry.space_group_name_H-M             'P 1' 
_symmetry.pdbx_full_space_group_name_H-M   ? 
_symmetry.cell_setting                     ? 
_symmetry.Int_Tables_number                1 
# 
_exptl.entry_id          1VM3 
_exptl.method            'SOLUTION NMR' 
_exptl.crystals_number   ? 
# 
_struct.entry_id                  1VM3 
_struct.title                     
'Solution structure of a membrane-targeting peptide designed based on the N-terminal sequence of E. coli enzyme IIA (Glucose)' 
_struct.pdbx_model_details        ? 
_struct.pdbx_CASP_flag            ? 
_struct.pdbx_model_type_details   ? 
# 
_struct_keywords.text            
'amphipathic helix, antimicrobial peptide, bacterial membrane anchor, membrane binding, ANTIBIOTIC' 
_struct_keywords.entry_id        1VM3 
_struct_keywords.pdbx_keywords   ANTIBIOTIC 
# 
_struct_asym.id                            A 
_struct_asym.pdbx_blank_PDB_chainid_flag   N 
_struct_asym.pdbx_modified                 N 
_struct_asym.entity_id                     1 
_struct_asym.details                       ? 
# 
_struct_ref.id                         1 
_struct_ref.db_name                    PDB 
_struct_ref.db_code                    1VM3 
_struct_ref.pdbx_db_accession          1VM3 
_struct_ref.pdbx_db_isoform            ? 
_struct_ref.entity_id                  1 
_struct_ref.pdbx_seq_one_letter_code   ? 
_struct_ref.pdbx_align_begin           1 
# 
_struct_ref_seq.align_id                      1 
_struct_ref_seq.ref_id                        1 
_struct_ref_seq.pdbx_PDB_id_code              1VM3 
_struct_ref_seq.pdbx_strand_id                A 
_struct_ref_seq.seq_align_beg                 1 
_struct_ref_seq.pdbx_seq_align_beg_ins_code   ? 
_struct_ref_seq.seq_align_end                 14 
_struct_ref_seq.pdbx_seq_align_end_ins_code   ? 
_struct_ref_seq.pdbx_db_accession             1VM3 
_struct_ref_seq.db_align_beg                  1 
_struct_ref_seq.pdbx_db_align_beg_ins_code    ? 
_struct_ref_seq.db_align_end                  14 
_struct_ref_seq.pdbx_db_align_end_ins_code    ? 
_struct_ref_seq.pdbx_auth_seq_align_beg       1 
_struct_ref_seq.pdbx_auth_seq_align_end       14 
# 
_pdbx_struct_assembly.id                   1 
_pdbx_struct_assembly.details              author_defined_assembly 
_pdbx_struct_assembly.method_details       ? 
_pdbx_struct_assembly.oligomeric_details   monomeric 
_pdbx_struct_assembly.oligomeric_count     1 
# 
_pdbx_struct_assembly_gen.assembly_id       1 
_pdbx_struct_assembly_gen.oper_expression   1 
_pdbx_struct_assembly_gen.asym_id_list      A 
# 
_pdbx_struct_oper_list.id                   1 
_pdbx_struct_oper_list.type                 'identity operation' 
_pdbx_struct_oper_list.name                 1_555 
_pdbx_struct_oper_list.symmetry_operation   ? 
_pdbx_struct_oper_list.matrix[1][1]         1.0000000000 
_pdbx_struct_oper_list.matrix[1][2]         0.0000000000 
_pdbx_struct_oper_list.matrix[1][3]         0.0000000000 
_pdbx_struct_oper_list.vector[1]            0.0000000000 
_pdbx_struct_oper_list.matrix[2][1]         0.0000000000 
_pdbx_struct_oper_list.matrix[2][2]         1.0000000000 
_pdbx_struct_oper_list.matrix[2][3]         0.0000000000 
_pdbx_struct_oper_list.vector[2]            0.0000000000 
_pdbx_struct_oper_list.matrix[3][1]         0.0000000000 
_pdbx_struct_oper_list.matrix[3][2]         0.0000000000 
_pdbx_struct_oper_list.matrix[3][3]         1.0000000000 
_pdbx_struct_oper_list.vector[3]            0.0000000000 
# 
_struct_conf.conf_type_id            HELX_P 
_struct_conf.id                      HELX_P1 
_struct_conf.pdbx_PDB_helix_id       1 
_struct_conf.beg_label_comp_id       LEU 
_struct_conf.beg_label_asym_id       A 
_struct_conf.beg_label_seq_id        2 
_struct_conf.pdbx_beg_PDB_ins_code   ? 
_struct_conf.end_label_comp_id       VAL 
_struct_conf.end_label_asym_id       A 
_struct_conf.end_label_seq_id        10 
_struct_conf.pdbx_end_PDB_ins_code   ? 
_struct_conf.beg_auth_comp_id        LEU 
_struct_conf.beg_auth_asym_id        A 
_struct_conf.beg_auth_seq_id         2 
_struct_conf.end_auth_comp_id        VAL 
_struct_conf.end_auth_asym_id        A 
_struct_conf.end_auth_seq_id         10 
_struct_conf.pdbx_PDB_helix_class    1 
_struct_conf.details                 ? 
_struct_conf.pdbx_PDB_helix_length   9 
# 
_struct_conf_type.id          HELX_P 
_struct_conf_type.criteria    ? 
_struct_conf_type.reference   ? 
# 
_struct_conn.id                            covale1 
_struct_conn.conn_type_id                  covale 
_struct_conn.pdbx_leaving_atom_flag        both 
_struct_conn.pdbx_PDB_id                   ? 
_struct_conn.ptnr1_label_asym_id           A 
_struct_conn.ptnr1_label_comp_id           PHE 
_struct_conn.ptnr1_label_seq_id            13 
_struct_conn.ptnr1_label_atom_id           C 
_struct_conn.pdbx_ptnr1_label_alt_id       ? 
_struct_conn.pdbx_ptnr1_PDB_ins_code       ? 
_struct_conn.pdbx_ptnr1_standard_comp_id   ? 
_struct_conn.ptnr1_symmetry                1_555 
_struct_conn.ptnr2_label_asym_id           A 
_struct_conn.ptnr2_label_comp_id           NH2 
_struct_conn.ptnr2_label_seq_id            14 
_struct_conn.ptnr2_label_atom_id           N 
_struct_conn.pdbx_ptnr2_label_alt_id       ? 
_struct_conn.pdbx_ptnr2_PDB_ins_code       ? 
_struct_conn.ptnr1_auth_asym_id            A 
_struct_conn.ptnr1_auth_comp_id            PHE 
_struct_conn.ptnr1_auth_seq_id             13 
_struct_conn.ptnr2_auth_asym_id            A 
_struct_conn.ptnr2_auth_comp_id            NH2 
_struct_conn.ptnr2_auth_seq_id             14 
_struct_conn.ptnr2_symmetry                1_555 
_struct_conn.pdbx_ptnr3_label_atom_id      ? 
_struct_conn.pdbx_ptnr3_label_seq_id       ? 
_struct_conn.pdbx_ptnr3_label_comp_id      ? 
_struct_conn.pdbx_ptnr3_label_asym_id      ? 
_struct_conn.pdbx_ptnr3_label_alt_id       ? 
_struct_conn.pdbx_ptnr3_PDB_ins_code       ? 
_struct_conn.details                       ? 
_struct_conn.pdbx_dist_value               1.306 
_struct_conn.pdbx_value_order              ? 
_struct_conn.pdbx_role                     ? 
# 
_struct_conn_type.id          covale 
_struct_conn_type.criteria    ? 
_struct_conn_type.reference   ? 
# 
_pdbx_modification_feature.ordinal                            1 
_pdbx_modification_feature.label_comp_id                      NH2 
_pdbx_modification_feature.label_asym_id                      A 
_pdbx_modification_feature.label_seq_id                       14 
_pdbx_modification_feature.label_alt_id                       ? 
_pdbx_modification_feature.modified_residue_label_comp_id     PHE 
_pdbx_modification_feature.modified_residue_label_asym_id     A 
_pdbx_modification_feature.modified_residue_label_seq_id      13 
_pdbx_modification_feature.modified_residue_label_alt_id      ? 
_pdbx_modification_feature.auth_comp_id                       NH2 
_pdbx_modification_feature.auth_asym_id                       A 
_pdbx_modification_feature.auth_seq_id                        14 
_pdbx_modification_feature.PDB_ins_code                       ? 
_pdbx_modification_feature.symmetry                           1_555 
_pdbx_modification_feature.modified_residue_auth_comp_id      PHE 
_pdbx_modification_feature.modified_residue_auth_asym_id      A 
_pdbx_modification_feature.modified_residue_auth_seq_id       13 
_pdbx_modification_feature.modified_residue_PDB_ins_code      ? 
_pdbx_modification_feature.modified_residue_symmetry          1_555 
_pdbx_modification_feature.comp_id_linking_atom               . 
_pdbx_modification_feature.modified_residue_id_linking_atom   . 
_pdbx_modification_feature.modified_residue_id                PHE 
_pdbx_modification_feature.ref_pcm_id                         15 
_pdbx_modification_feature.ref_comp_id                        NH2 
_pdbx_modification_feature.type                               None 
_pdbx_modification_feature.category                           'Terminal amidation' 
# 
_struct_site.id                   AC1 
_struct_site.pdbx_evidence_code   Software 
_struct_site.pdbx_auth_asym_id    A 
_struct_site.pdbx_auth_comp_id    NH2 
_struct_site.pdbx_auth_seq_id     14 
_struct_site.pdbx_auth_ins_code   ? 
_struct_site.pdbx_num_residues    3 
_struct_site.details              'BINDING SITE FOR RESIDUE NH2 A 14' 
# 
loop_
_struct_site_gen.id 
_struct_site_gen.site_id 
_struct_site_gen.pdbx_num_res 
_struct_site_gen.label_comp_id 
_struct_site_gen.label_asym_id 
_struct_site_gen.label_seq_id 
_struct_site_gen.pdbx_auth_ins_code 
_struct_site_gen.auth_comp_id 
_struct_site_gen.auth_asym_id 
_struct_site_gen.auth_seq_id 
_struct_site_gen.label_atom_id 
_struct_site_gen.label_alt_id 
_struct_site_gen.symmetry 
_struct_site_gen.details 
1 AC1 3 VAL A 10 ? VAL A 10 . ? 1_555 ? 
2 AC1 3 ASP A 12 ? ASP A 12 . ? 1_555 ? 
3 AC1 3 PHE A 13 ? PHE A 13 . ? 1_555 ? 
# 
_pdbx_entry_details.entry_id                   1VM3 
_pdbx_entry_details.compound_details           ? 
_pdbx_entry_details.source_details             ? 
_pdbx_entry_details.nonpolymer_details         ? 
_pdbx_entry_details.sequence_details           ? 
_pdbx_entry_details.has_ligand_of_interest     ? 
_pdbx_entry_details.has_protein_modification   Y 
# 
_pdbx_validate_close_contact.id               1 
_pdbx_validate_close_contact.PDB_model_num    2 
_pdbx_validate_close_contact.auth_atom_id_1   O 
_pdbx_validate_close_contact.auth_asym_id_1   A 
_pdbx_validate_close_contact.auth_comp_id_1   GLY 
_pdbx_validate_close_contact.auth_seq_id_1    1 
_pdbx_validate_close_contact.PDB_ins_code_1   ? 
_pdbx_validate_close_contact.label_alt_id_1   ? 
_pdbx_validate_close_contact.auth_atom_id_2   H 
_pdbx_validate_close_contact.auth_asym_id_2   A 
_pdbx_validate_close_contact.auth_comp_id_2   ASP 
_pdbx_validate_close_contact.auth_seq_id_2    4 
_pdbx_validate_close_contact.PDB_ins_code_2   ? 
_pdbx_validate_close_contact.label_alt_id_2   ? 
_pdbx_validate_close_contact.dist             1.59 
# 
loop_
_pdbx_validate_torsion.id 
_pdbx_validate_torsion.PDB_model_num 
_pdbx_validate_torsion.auth_comp_id 
_pdbx_validate_torsion.auth_asym_id 
_pdbx_validate_torsion.auth_seq_id 
_pdbx_validate_torsion.PDB_ins_code 
_pdbx_validate_torsion.label_alt_id 
_pdbx_validate_torsion.phi 
_pdbx_validate_torsion.psi 
1 1 ASP A 12 ? ? -87.57 -87.59 
2 2 LEU A 2  ? ? -44.90 -19.19 
3 2 ASP A 12 ? ? -89.97 -79.01 
4 3 ASP A 12 ? ? -89.84 -74.50 
5 4 ASP A 12 ? ? -90.71 -84.30 
6 5 ASP A 12 ? ? -90.94 -83.53 
# 
_pdbx_nmr_ensemble.conformers_calculated_total_number            100 
_pdbx_nmr_ensemble.conformers_submitted_total_number             5 
_pdbx_nmr_ensemble.conformer_selection_criteria                  
;No NOE violations greater than 0.50 A,
rms difference for bond deviations from ideality less than 0.01 A,
rms difference for angle deviations from ideality less than 5 degrees,
Structures with the lowerest energies in the ensemble.
;
_pdbx_nmr_ensemble.entry_id                                      1VM3 
_pdbx_nmr_ensemble.average_constraints_per_residue               ? 
_pdbx_nmr_ensemble.average_constraint_violations_per_residue     ? 
_pdbx_nmr_ensemble.maximum_distance_constraint_violation         ? 
_pdbx_nmr_ensemble.average_distance_constraint_violation         ? 
_pdbx_nmr_ensemble.maximum_upper_distance_constraint_violation   ? 
_pdbx_nmr_ensemble.maximum_lower_distance_constraint_violation   ? 
_pdbx_nmr_ensemble.distance_constraint_violation_method          ? 
_pdbx_nmr_ensemble.maximum_torsion_angle_constraint_violation    ? 
_pdbx_nmr_ensemble.average_torsion_angle_constraint_violation    ? 
_pdbx_nmr_ensemble.torsion_angle_constraint_violation_method     ? 
# 
_pdbx_nmr_representative.conformer_id         1 
_pdbx_nmr_representative.selection_criteria   'most resemble the average structure' 
_pdbx_nmr_representative.entry_id             1VM3 
# 
_pdbx_nmr_sample_details.solution_id      1 
_pdbx_nmr_sample_details.contents         '2mM peptide, 80mM sodium dodecylsulfate, 90% H2O and 10% D2O' 
_pdbx_nmr_sample_details.solvent_system   '90% H2O and 10% D2O' 
# 
_pdbx_nmr_exptl_sample_conditions.conditions_id       1 
_pdbx_nmr_exptl_sample_conditions.temperature         298 
_pdbx_nmr_exptl_sample_conditions.pressure            ambient 
_pdbx_nmr_exptl_sample_conditions.pH                  5.4 
_pdbx_nmr_exptl_sample_conditions.ionic_strength      ? 
_pdbx_nmr_exptl_sample_conditions.pressure_units      ? 
_pdbx_nmr_exptl_sample_conditions.temperature_units   K 
# 
loop_
_pdbx_nmr_exptl.experiment_id 
_pdbx_nmr_exptl.solution_id 
_pdbx_nmr_exptl.conditions_id 
_pdbx_nmr_exptl.type 
1 1 1 '2D NOESY'     
2 1 1 TOCSY          
3 1 1 DQF-COSY       
4 1 1 '(1H,15N)HSQC' 
5 1 1 '(1H,13C)HSQC' 
# 
_pdbx_nmr_details.text       
;This structure was determined using standard 2D homonuclear NMR techniques, plus the use of backbone angle restraints derived from a set of heteronuclear chemical shifts measured on the natural abundance peptide bound to micelles.
;
_pdbx_nmr_details.entry_id   1VM3 
# 
_pdbx_nmr_refine.method             'simulated annealing' 
_pdbx_nmr_refine.details            
;The structures are based on 104 distances derived from the NOESY spectra, 20 backbone dihedral angles derived from a set of chemical shifts using the NMR program TALOS, and 5 chi1 angle restraints.
;
_pdbx_nmr_refine.entry_id           1VM3 
_pdbx_nmr_refine.software_ordinal   1 
# 
loop_
_pdbx_nmr_software.name 
_pdbx_nmr_software.version 
_pdbx_nmr_software.classification 
_pdbx_nmr_software.authors 
_pdbx_nmr_software.ordinal 
NMRPipe/nmrDraw 2.1  'data processing'                 'Delaglio, F.'                                             1 
PIPP            1.0  'noe picking'                     'Garrett, D.'                                              2 
XPLOR-NIH       1.06 refinement                        'Schwieters, C.D., Kuszewski, J., Tjandra, N, Clore, G.M.' 3 
MOLMOL          2K.1 'structural analysis and viewing' 'Koradi, R.'                                               4 
# 
loop_
_chem_comp_atom.comp_id 
_chem_comp_atom.atom_id 
_chem_comp_atom.type_symbol 
_chem_comp_atom.pdbx_aromatic_flag 
_chem_comp_atom.pdbx_stereo_config 
_chem_comp_atom.pdbx_ordinal 
ASP N    N N N 1   
ASP CA   C N S 2   
ASP C    C N N 3   
ASP O    O N N 4   
ASP CB   C N N 5   
ASP CG   C N N 6   
ASP OD1  O N N 7   
ASP OD2  O N N 8   
ASP OXT  O N N 9   
ASP H    H N N 10  
ASP H2   H N N 11  
ASP HA   H N N 12  
ASP HB2  H N N 13  
ASP HB3  H N N 14  
ASP HD2  H N N 15  
ASP HXT  H N N 16  
GLY N    N N N 17  
GLY CA   C N N 18  
GLY C    C N N 19  
GLY O    O N N 20  
GLY OXT  O N N 21  
GLY H    H N N 22  
GLY H2   H N N 23  
GLY HA2  H N N 24  
GLY HA3  H N N 25  
GLY HXT  H N N 26  
ILE N    N N N 27  
ILE CA   C N S 28  
ILE C    C N N 29  
ILE O    O N N 30  
ILE CB   C N S 31  
ILE CG1  C N N 32  
ILE CG2  C N N 33  
ILE CD1  C N N 34  
ILE OXT  O N N 35  
ILE H    H N N 36  
ILE H2   H N N 37  
ILE HA   H N N 38  
ILE HB   H N N 39  
ILE HG12 H N N 40  
ILE HG13 H N N 41  
ILE HG21 H N N 42  
ILE HG22 H N N 43  
ILE HG23 H N N 44  
ILE HD11 H N N 45  
ILE HD12 H N N 46  
ILE HD13 H N N 47  
ILE HXT  H N N 48  
LEU N    N N N 49  
LEU CA   C N S 50  
LEU C    C N N 51  
LEU O    O N N 52  
LEU CB   C N N 53  
LEU CG   C N N 54  
LEU CD1  C N N 55  
LEU CD2  C N N 56  
LEU OXT  O N N 57  
LEU H    H N N 58  
LEU H2   H N N 59  
LEU HA   H N N 60  
LEU HB2  H N N 61  
LEU HB3  H N N 62  
LEU HG   H N N 63  
LEU HD11 H N N 64  
LEU HD12 H N N 65  
LEU HD13 H N N 66  
LEU HD21 H N N 67  
LEU HD22 H N N 68  
LEU HD23 H N N 69  
LEU HXT  H N N 70  
LYS N    N N N 71  
LYS CA   C N S 72  
LYS C    C N N 73  
LYS O    O N N 74  
LYS CB   C N N 75  
LYS CG   C N N 76  
LYS CD   C N N 77  
LYS CE   C N N 78  
LYS NZ   N N N 79  
LYS OXT  O N N 80  
LYS H    H N N 81  
LYS H2   H N N 82  
LYS HA   H N N 83  
LYS HB2  H N N 84  
LYS HB3  H N N 85  
LYS HG2  H N N 86  
LYS HG3  H N N 87  
LYS HD2  H N N 88  
LYS HD3  H N N 89  
LYS HE2  H N N 90  
LYS HE3  H N N 91  
LYS HZ1  H N N 92  
LYS HZ2  H N N 93  
LYS HZ3  H N N 94  
LYS HXT  H N N 95  
NH2 N    N N N 96  
NH2 HN1  H N N 97  
NH2 HN2  H N N 98  
PHE N    N N N 99  
PHE CA   C N S 100 
PHE C    C N N 101 
PHE O    O N N 102 
PHE CB   C N N 103 
PHE CG   C Y N 104 
PHE CD1  C Y N 105 
PHE CD2  C Y N 106 
PHE CE1  C Y N 107 
PHE CE2  C Y N 108 
PHE CZ   C Y N 109 
PHE OXT  O N N 110 
PHE H    H N N 111 
PHE H2   H N N 112 
PHE HA   H N N 113 
PHE HB2  H N N 114 
PHE HB3  H N N 115 
PHE HD1  H N N 116 
PHE HD2  H N N 117 
PHE HE1  H N N 118 
PHE HE2  H N N 119 
PHE HZ   H N N 120 
PHE HXT  H N N 121 
SER N    N N N 122 
SER CA   C N S 123 
SER C    C N N 124 
SER O    O N N 125 
SER CB   C N N 126 
SER OG   O N N 127 
SER OXT  O N N 128 
SER H    H N N 129 
SER H2   H N N 130 
SER HA   H N N 131 
SER HB2  H N N 132 
SER HB3  H N N 133 
SER HG   H N N 134 
SER HXT  H N N 135 
VAL N    N N N 136 
VAL CA   C N S 137 
VAL C    C N N 138 
VAL O    O N N 139 
VAL CB   C N N 140 
VAL CG1  C N N 141 
VAL CG2  C N N 142 
VAL OXT  O N N 143 
VAL H    H N N 144 
VAL H2   H N N 145 
VAL HA   H N N 146 
VAL HB   H N N 147 
VAL HG11 H N N 148 
VAL HG12 H N N 149 
VAL HG13 H N N 150 
VAL HG21 H N N 151 
VAL HG22 H N N 152 
VAL HG23 H N N 153 
VAL HXT  H N N 154 
# 
loop_
_chem_comp_bond.comp_id 
_chem_comp_bond.atom_id_1 
_chem_comp_bond.atom_id_2 
_chem_comp_bond.value_order 
_chem_comp_bond.pdbx_aromatic_flag 
_chem_comp_bond.pdbx_stereo_config 
_chem_comp_bond.pdbx_ordinal 
ASP N   CA   sing N N 1   
ASP N   H    sing N N 2   
ASP N   H2   sing N N 3   
ASP CA  C    sing N N 4   
ASP CA  CB   sing N N 5   
ASP CA  HA   sing N N 6   
ASP C   O    doub N N 7   
ASP C   OXT  sing N N 8   
ASP CB  CG   sing N N 9   
ASP CB  HB2  sing N N 10  
ASP CB  HB3  sing N N 11  
ASP CG  OD1  doub N N 12  
ASP CG  OD2  sing N N 13  
ASP OD2 HD2  sing N N 14  
ASP OXT HXT  sing N N 15  
GLY N   CA   sing N N 16  
GLY N   H    sing N N 17  
GLY N   H2   sing N N 18  
GLY CA  C    sing N N 19  
GLY CA  HA2  sing N N 20  
GLY CA  HA3  sing N N 21  
GLY C   O    doub N N 22  
GLY C   OXT  sing N N 23  
GLY OXT HXT  sing N N 24  
ILE N   CA   sing N N 25  
ILE N   H    sing N N 26  
ILE N   H2   sing N N 27  
ILE CA  C    sing N N 28  
ILE CA  CB   sing N N 29  
ILE CA  HA   sing N N 30  
ILE C   O    doub N N 31  
ILE C   OXT  sing N N 32  
ILE CB  CG1  sing N N 33  
ILE CB  CG2  sing N N 34  
ILE CB  HB   sing N N 35  
ILE CG1 CD1  sing N N 36  
ILE CG1 HG12 sing N N 37  
ILE CG1 HG13 sing N N 38  
ILE CG2 HG21 sing N N 39  
ILE CG2 HG22 sing N N 40  
ILE CG2 HG23 sing N N 41  
ILE CD1 HD11 sing N N 42  
ILE CD1 HD12 sing N N 43  
ILE CD1 HD13 sing N N 44  
ILE OXT HXT  sing N N 45  
LEU N   CA   sing N N 46  
LEU N   H    sing N N 47  
LEU N   H2   sing N N 48  
LEU CA  C    sing N N 49  
LEU CA  CB   sing N N 50  
LEU CA  HA   sing N N 51  
LEU C   O    doub N N 52  
LEU C   OXT  sing N N 53  
LEU CB  CG   sing N N 54  
LEU CB  HB2  sing N N 55  
LEU CB  HB3  sing N N 56  
LEU CG  CD1  sing N N 57  
LEU CG  CD2  sing N N 58  
LEU CG  HG   sing N N 59  
LEU CD1 HD11 sing N N 60  
LEU CD1 HD12 sing N N 61  
LEU CD1 HD13 sing N N 62  
LEU CD2 HD21 sing N N 63  
LEU CD2 HD22 sing N N 64  
LEU CD2 HD23 sing N N 65  
LEU OXT HXT  sing N N 66  
LYS N   CA   sing N N 67  
LYS N   H    sing N N 68  
LYS N   H2   sing N N 69  
LYS CA  C    sing N N 70  
LYS CA  CB   sing N N 71  
LYS CA  HA   sing N N 72  
LYS C   O    doub N N 73  
LYS C   OXT  sing N N 74  
LYS CB  CG   sing N N 75  
LYS CB  HB2  sing N N 76  
LYS CB  HB3  sing N N 77  
LYS CG  CD   sing N N 78  
LYS CG  HG2  sing N N 79  
LYS CG  HG3  sing N N 80  
LYS CD  CE   sing N N 81  
LYS CD  HD2  sing N N 82  
LYS CD  HD3  sing N N 83  
LYS CE  NZ   sing N N 84  
LYS CE  HE2  sing N N 85  
LYS CE  HE3  sing N N 86  
LYS NZ  HZ1  sing N N 87  
LYS NZ  HZ2  sing N N 88  
LYS NZ  HZ3  sing N N 89  
LYS OXT HXT  sing N N 90  
NH2 N   HN1  sing N N 91  
NH2 N   HN2  sing N N 92  
PHE N   CA   sing N N 93  
PHE N   H    sing N N 94  
PHE N   H2   sing N N 95  
PHE CA  C    sing N N 96  
PHE CA  CB   sing N N 97  
PHE CA  HA   sing N N 98  
PHE C   O    doub N N 99  
PHE C   OXT  sing N N 100 
PHE CB  CG   sing N N 101 
PHE CB  HB2  sing N N 102 
PHE CB  HB3  sing N N 103 
PHE CG  CD1  doub Y N 104 
PHE CG  CD2  sing Y N 105 
PHE CD1 CE1  sing Y N 106 
PHE CD1 HD1  sing N N 107 
PHE CD2 CE2  doub Y N 108 
PHE CD2 HD2  sing N N 109 
PHE CE1 CZ   doub Y N 110 
PHE CE1 HE1  sing N N 111 
PHE CE2 CZ   sing Y N 112 
PHE CE2 HE2  sing N N 113 
PHE CZ  HZ   sing N N 114 
PHE OXT HXT  sing N N 115 
SER N   CA   sing N N 116 
SER N   H    sing N N 117 
SER N   H2   sing N N 118 
SER CA  C    sing N N 119 
SER CA  CB   sing N N 120 
SER CA  HA   sing N N 121 
SER C   O    doub N N 122 
SER C   OXT  sing N N 123 
SER CB  OG   sing N N 124 
SER CB  HB2  sing N N 125 
SER CB  HB3  sing N N 126 
SER OG  HG   sing N N 127 
SER OXT HXT  sing N N 128 
VAL N   CA   sing N N 129 
VAL N   H    sing N N 130 
VAL N   H2   sing N N 131 
VAL CA  C    sing N N 132 
VAL CA  CB   sing N N 133 
VAL CA  HA   sing N N 134 
VAL C   O    doub N N 135 
VAL C   OXT  sing N N 136 
VAL CB  CG1  sing N N 137 
VAL CB  CG2  sing N N 138 
VAL CB  HB   sing N N 139 
VAL CG1 HG11 sing N N 140 
VAL CG1 HG12 sing N N 141 
VAL CG1 HG13 sing N N 142 
VAL CG2 HG21 sing N N 143 
VAL CG2 HG22 sing N N 144 
VAL CG2 HG23 sing N N 145 
VAL OXT HXT  sing N N 146 
# 
_pdbx_nmr_spectrometer.spectrometer_id   1 
_pdbx_nmr_spectrometer.manufacturer      Varian 
_pdbx_nmr_spectrometer.model             INOVA 
_pdbx_nmr_spectrometer.field_strength    600 
_pdbx_nmr_spectrometer.type              ? 
# 
_atom_sites.entry_id                    1VM3 
_atom_sites.fract_transf_matrix[1][1]   1.000000 
_atom_sites.fract_transf_matrix[1][2]   0.000000 
_atom_sites.fract_transf_matrix[1][3]   0.000000 
_atom_sites.fract_transf_matrix[2][1]   0.000000 
_atom_sites.fract_transf_matrix[2][2]   1.000000 
_atom_sites.fract_transf_matrix[2][3]   0.000000 
_atom_sites.fract_transf_matrix[3][1]   0.000000 
_atom_sites.fract_transf_matrix[3][2]   0.000000 
_atom_sites.fract_transf_matrix[3][3]   1.000000 
_atom_sites.fract_transf_vector[1]      0.00000 
_atom_sites.fract_transf_vector[2]      0.00000 
_atom_sites.fract_transf_vector[3]      0.00000 
# 
loop_
_atom_type.symbol 
C 
H 
N 
O 
# 
loop_
_atom_site.group_PDB 
_atom_site.id 
_atom_site.type_symbol 
_atom_site.label_atom_id 
_atom_site.label_alt_id 
_atom_site.label_comp_id 
_atom_site.label_asym_id 
_atom_site.label_entity_id 
_atom_site.label_seq_id 
_atom_site.pdbx_PDB_ins_code 
_atom_site.Cartn_x 
_atom_site.Cartn_y 
_atom_site.Cartn_z 
_atom_site.occupancy 
_atom_site.B_iso_or_equiv 
_atom_site.pdbx_formal_charge 
_atom_site.auth_seq_id 
_atom_site.auth_comp_id 
_atom_site.auth_asym_id 
_atom_site.auth_atom_id 
_atom_site.pdbx_PDB_model_num 
ATOM   1    N N    . GLY A 1 1  ? -3.782 10.538 0.577  1.00 0.00 ? 1  GLY A N    1 
ATOM   2    C CA   . GLY A 1 1  ? -4.112 9.085  0.519  1.00 0.00 ? 1  GLY A CA   1 
ATOM   3    C C    . GLY A 1 1  ? -2.853 8.266  0.773  1.00 0.00 ? 1  GLY A C    1 
ATOM   4    O O    . GLY A 1 1  ? -2.503 7.388  -0.015 1.00 0.00 ? 1  GLY A O    1 
ATOM   5    H H1   . GLY A 1 1  ? -4.633 11.096 0.366  1.00 0.00 ? 1  GLY A H1   1 
ATOM   6    H H2   . GLY A 1 1  ? -3.043 10.752 -0.123 1.00 0.00 ? 1  GLY A H2   1 
ATOM   7    H H3   . GLY A 1 1  ? -3.440 10.778 1.528  1.00 0.00 ? 1  GLY A H3   1 
ATOM   8    H HA2  . GLY A 1 1  ? -4.853 8.855  1.272  1.00 0.00 ? 1  GLY A HA2  1 
ATOM   9    H HA3  . GLY A 1 1  ? -4.504 8.844  -0.457 1.00 0.00 ? 1  GLY A HA3  1 
ATOM   10   N N    . LEU A 1 2  ? -2.176 8.558  1.878  1.00 0.00 ? 2  LEU A N    1 
ATOM   11   C CA   . LEU A 1 2  ? -0.954 7.841  2.226  1.00 0.00 ? 2  LEU A CA   1 
ATOM   12   C C    . LEU A 1 2  ? -1.262 6.370  2.494  1.00 0.00 ? 2  LEU A C    1 
ATOM   13   O O    . LEU A 1 2  ? -0.575 5.479  1.995  1.00 0.00 ? 2  LEU A O    1 
ATOM   14   C CB   . LEU A 1 2  ? -0.317 8.479  3.470  1.00 0.00 ? 2  LEU A CB   1 
ATOM   15   C CG   . LEU A 1 2  ? 1.211  8.318  3.436  1.00 0.00 ? 2  LEU A CG   1 
ATOM   16   C CD1  . LEU A 1 2  ? 1.574  6.844  3.233  1.00 0.00 ? 2  LEU A CD1  1 
ATOM   17   C CD2  . LEU A 1 2  ? 1.804  9.159  2.294  1.00 0.00 ? 2  LEU A CD2  1 
ATOM   18   H H    . LEU A 1 2  ? -2.501 9.268  2.469  1.00 0.00 ? 2  LEU A H    1 
ATOM   19   H HA   . LEU A 1 2  ? -0.266 7.910  1.401  1.00 0.00 ? 2  LEU A HA   1 
ATOM   20   H HB2  . LEU A 1 2  ? -0.566 9.529  3.499  1.00 0.00 ? 2  LEU A HB2  1 
ATOM   21   H HB3  . LEU A 1 2  ? -0.705 7.998  4.358  1.00 0.00 ? 2  LEU A HB3  1 
ATOM   22   H HG   . LEU A 1 2  ? 1.622  8.656  4.377  1.00 0.00 ? 2  LEU A HG   1 
ATOM   23   H HD11 . LEU A 1 2  ? 0.929  6.226  3.839  1.00 0.00 ? 2  LEU A HD11 1 
ATOM   24   H HD12 . LEU A 1 2  ? 2.602  6.685  3.525  1.00 0.00 ? 2  LEU A HD12 1 
ATOM   25   H HD13 . LEU A 1 2  ? 1.452  6.582  2.193  1.00 0.00 ? 2  LEU A HD13 1 
ATOM   26   H HD21 . LEU A 1 2  ? 2.768  9.540  2.594  1.00 0.00 ? 2  LEU A HD21 1 
ATOM   27   H HD22 . LEU A 1 2  ? 1.147  9.986  2.069  1.00 0.00 ? 2  LEU A HD22 1 
ATOM   28   H HD23 . LEU A 1 2  ? 1.921  8.545  1.412  1.00 0.00 ? 2  LEU A HD23 1 
ATOM   29   N N    . PHE A 1 3  ? -2.300 6.127  3.282  1.00 0.00 ? 3  PHE A N    1 
ATOM   30   C CA   . PHE A 1 3  ? -2.694 4.762  3.612  1.00 0.00 ? 3  PHE A CA   1 
ATOM   31   C C    . PHE A 1 3  ? -2.928 3.949  2.343  1.00 0.00 ? 3  PHE A C    1 
ATOM   32   O O    . PHE A 1 3  ? -2.912 2.718  2.372  1.00 0.00 ? 3  PHE A O    1 
ATOM   33   C CB   . PHE A 1 3  ? -3.971 4.776  4.455  1.00 0.00 ? 3  PHE A CB   1 
ATOM   34   C CG   . PHE A 1 3  ? -4.159 3.429  5.108  1.00 0.00 ? 3  PHE A CG   1 
ATOM   35   C CD1  . PHE A 1 3  ? -4.755 2.381  4.396  1.00 0.00 ? 3  PHE A CD1  1 
ATOM   36   C CD2  . PHE A 1 3  ? -3.738 3.226  6.428  1.00 0.00 ? 3  PHE A CD2  1 
ATOM   37   C CE1  . PHE A 1 3  ? -4.928 1.130  5.003  1.00 0.00 ? 3  PHE A CE1  1 
ATOM   38   C CE2  . PHE A 1 3  ? -3.911 1.976  7.035  1.00 0.00 ? 3  PHE A CE2  1 
ATOM   39   C CZ   . PHE A 1 3  ? -4.507 0.928  6.323  1.00 0.00 ? 3  PHE A CZ   1 
ATOM   40   H H    . PHE A 1 3  ? -2.810 6.878  3.648  1.00 0.00 ? 3  PHE A H    1 
ATOM   41   H HA   . PHE A 1 3  ? -1.904 4.299  4.184  1.00 0.00 ? 3  PHE A HA   1 
ATOM   42   H HB2  . PHE A 1 3  ? -3.893 5.539  5.215  1.00 0.00 ? 3  PHE A HB2  1 
ATOM   43   H HB3  . PHE A 1 3  ? -4.819 4.988  3.819  1.00 0.00 ? 3  PHE A HB3  1 
ATOM   44   H HD1  . PHE A 1 3  ? -5.080 2.536  3.378  1.00 0.00 ? 3  PHE A HD1  1 
ATOM   45   H HD2  . PHE A 1 3  ? -3.278 4.034  6.978  1.00 0.00 ? 3  PHE A HD2  1 
ATOM   46   H HE1  . PHE A 1 3  ? -5.388 0.322  4.453  1.00 0.00 ? 3  PHE A HE1  1 
ATOM   47   H HE2  . PHE A 1 3  ? -3.586 1.820  8.054  1.00 0.00 ? 3  PHE A HE2  1 
ATOM   48   H HZ   . PHE A 1 3  ? -4.640 -0.036 6.791  1.00 0.00 ? 3  PHE A HZ   1 
ATOM   49   N N    . ASP A 1 4  ? -3.149 4.643  1.232  1.00 0.00 ? 4  ASP A N    1 
ATOM   50   C CA   . ASP A 1 4  ? -3.389 3.973  -0.042 1.00 0.00 ? 4  ASP A CA   1 
ATOM   51   C C    . ASP A 1 4  ? -2.114 3.303  -0.546 1.00 0.00 ? 4  ASP A C    1 
ATOM   52   O O    . ASP A 1 4  ? -2.170 2.327  -1.294 1.00 0.00 ? 4  ASP A O    1 
ATOM   53   C CB   . ASP A 1 4  ? -3.879 4.984  -1.080 1.00 0.00 ? 4  ASP A CB   1 
ATOM   54   C CG   . ASP A 1 4  ? -4.937 5.893  -0.464 1.00 0.00 ? 4  ASP A CG   1 
ATOM   55   O OD1  . ASP A 1 4  ? -5.265 5.687  0.693  1.00 0.00 ? 4  ASP A OD1  1 
ATOM   56   O OD2  . ASP A 1 4  ? -5.405 6.780  -1.158 1.00 0.00 ? 4  ASP A OD2  1 
ATOM   57   H H    . ASP A 1 4  ? -3.153 5.623  1.269  1.00 0.00 ? 4  ASP A H    1 
ATOM   58   H HA   . ASP A 1 4  ? -4.149 3.221  0.097  1.00 0.00 ? 4  ASP A HA   1 
ATOM   59   H HB2  . ASP A 1 4  ? -3.045 5.582  -1.420 1.00 0.00 ? 4  ASP A HB2  1 
ATOM   60   H HB3  . ASP A 1 4  ? -4.307 4.456  -1.919 1.00 0.00 ? 4  ASP A HB3  1 
ATOM   61   N N    . ILE A 1 5  ? -0.967 3.831  -0.132 1.00 0.00 ? 5  ILE A N    1 
ATOM   62   C CA   . ILE A 1 5  ? 0.311  3.280  -0.545 1.00 0.00 ? 5  ILE A CA   1 
ATOM   63   C C    . ILE A 1 5  ? 0.635  2.033  0.277  1.00 0.00 ? 5  ILE A C    1 
ATOM   64   O O    . ILE A 1 5  ? 1.361  1.148  -0.179 1.00 0.00 ? 5  ILE A O    1 
ATOM   65   C CB   . ILE A 1 5  ? 1.397  4.353  -0.359 1.00 0.00 ? 5  ILE A CB   1 
ATOM   66   C CG1  . ILE A 1 5  ? 1.610  5.109  -1.676 1.00 0.00 ? 5  ILE A CG1  1 
ATOM   67   C CG2  . ILE A 1 5  ? 2.714  3.711  0.071  1.00 0.00 ? 5  ILE A CG2  1 
ATOM   68   C CD1  . ILE A 1 5  ? 0.321  5.838  -2.061 1.00 0.00 ? 5  ILE A CD1  1 
ATOM   69   H H    . ILE A 1 5  ? -0.977 4.607  0.463  1.00 0.00 ? 5  ILE A H    1 
ATOM   70   H HA   . ILE A 1 5  ? 0.258  3.007  -1.589 1.00 0.00 ? 5  ILE A HA   1 
ATOM   71   H HB   . ILE A 1 5  ? 1.079  5.049  0.402  1.00 0.00 ? 5  ILE A HB   1 
ATOM   72   H HG12 . ILE A 1 5  ? 2.408  5.827  -1.551 1.00 0.00 ? 5  ILE A HG12 1 
ATOM   73   H HG13 . ILE A 1 5  ? 1.873  4.410  -2.455 1.00 0.00 ? 5  ILE A HG13 1 
ATOM   74   H HG21 . ILE A 1 5  ? 2.636  3.390  1.100  1.00 0.00 ? 5  ILE A HG21 1 
ATOM   75   H HG22 . ILE A 1 5  ? 3.510  4.434  -0.021 1.00 0.00 ? 5  ILE A HG22 1 
ATOM   76   H HG23 . ILE A 1 5  ? 2.923  2.860  -0.559 1.00 0.00 ? 5  ILE A HG23 1 
ATOM   77   H HD11 . ILE A 1 5  ? -0.441 5.116  -2.310 1.00 0.00 ? 5  ILE A HD11 1 
ATOM   78   H HD12 . ILE A 1 5  ? 0.510  6.474  -2.914 1.00 0.00 ? 5  ILE A HD12 1 
ATOM   79   H HD13 . ILE A 1 5  ? -0.012 6.442  -1.230 1.00 0.00 ? 5  ILE A HD13 1 
ATOM   80   N N    . VAL A 1 6  ? 0.092  1.969  1.488  1.00 0.00 ? 6  VAL A N    1 
ATOM   81   C CA   . VAL A 1 6  ? 0.330  0.828  2.364  1.00 0.00 ? 6  VAL A CA   1 
ATOM   82   C C    . VAL A 1 6  ? -0.530 -0.361 1.945  1.00 0.00 ? 6  VAL A C    1 
ATOM   83   O O    . VAL A 1 6  ? -0.118 -1.513 2.074  1.00 0.00 ? 6  VAL A O    1 
ATOM   84   C CB   . VAL A 1 6  ? 0.010  1.204  3.812  1.00 0.00 ? 6  VAL A CB   1 
ATOM   85   C CG1  . VAL A 1 6  ? 0.442  0.069  4.741  1.00 0.00 ? 6  VAL A CG1  1 
ATOM   86   C CG2  . VAL A 1 6  ? 0.765  2.482  4.184  1.00 0.00 ? 6  VAL A CG2  1 
ATOM   87   H H    . VAL A 1 6  ? -0.478 2.704  1.799  1.00 0.00 ? 6  VAL A H    1 
ATOM   88   H HA   . VAL A 1 6  ? 1.370  0.548  2.298  1.00 0.00 ? 6  VAL A HA   1 
ATOM   89   H HB   . VAL A 1 6  ? -1.053 1.368  3.914  1.00 0.00 ? 6  VAL A HB   1 
ATOM   90   H HG11 . VAL A 1 6  ? 1.462  -0.209 4.520  1.00 0.00 ? 6  VAL A HG11 1 
ATOM   91   H HG12 . VAL A 1 6  ? -0.204 -0.784 4.592  1.00 0.00 ? 6  VAL A HG12 1 
ATOM   92   H HG13 . VAL A 1 6  ? 0.372  0.397  5.768  1.00 0.00 ? 6  VAL A HG13 1 
ATOM   93   H HG21 . VAL A 1 6  ? 1.828  2.309  4.102  1.00 0.00 ? 6  VAL A HG21 1 
ATOM   94   H HG22 . VAL A 1 6  ? 0.524  2.759  5.200  1.00 0.00 ? 6  VAL A HG22 1 
ATOM   95   H HG23 . VAL A 1 6  ? 0.476  3.278  3.515  1.00 0.00 ? 6  VAL A HG23 1 
ATOM   96   N N    . LYS A 1 7  ? -1.727 -0.072 1.444  1.00 0.00 ? 7  LYS A N    1 
ATOM   97   C CA   . LYS A 1 7  ? -2.638 -1.125 1.011  1.00 0.00 ? 7  LYS A CA   1 
ATOM   98   C C    . LYS A 1 7  ? -2.269 -1.617 -0.384 1.00 0.00 ? 7  LYS A C    1 
ATOM   99   O O    . LYS A 1 7  ? -2.576 -2.749 -0.754 1.00 0.00 ? 7  LYS A O    1 
ATOM   100  C CB   . LYS A 1 7  ? -4.077 -0.601 1.007  1.00 0.00 ? 7  LYS A CB   1 
ATOM   101  C CG   . LYS A 1 7  ? -5.061 -1.779 0.954  1.00 0.00 ? 7  LYS A CG   1 
ATOM   102  C CD   . LYS A 1 7  ? -5.366 -2.265 2.375  1.00 0.00 ? 7  LYS A CD   1 
ATOM   103  C CE   . LYS A 1 7  ? -6.391 -3.399 2.316  1.00 0.00 ? 7  LYS A CE   1 
ATOM   104  N NZ   . LYS A 1 7  ? -6.664 -3.894 3.695  1.00 0.00 ? 7  LYS A NZ   1 
ATOM   105  H H    . LYS A 1 7  ? -2.002 0.865  1.367  1.00 0.00 ? 7  LYS A H    1 
ATOM   106  H HA   . LYS A 1 7  ? -2.570 -1.953 1.701  1.00 0.00 ? 7  LYS A HA   1 
ATOM   107  H HB2  . LYS A 1 7  ? -4.251 -0.022 1.903  1.00 0.00 ? 7  LYS A HB2  1 
ATOM   108  H HB3  . LYS A 1 7  ? -4.227 0.027  0.141  1.00 0.00 ? 7  LYS A HB3  1 
ATOM   109  H HG2  . LYS A 1 7  ? -5.979 -1.457 0.481  1.00 0.00 ? 7  LYS A HG2  1 
ATOM   110  H HG3  . LYS A 1 7  ? -4.629 -2.588 0.385  1.00 0.00 ? 7  LYS A HG3  1 
ATOM   111  H HD2  . LYS A 1 7  ? -4.458 -2.624 2.836  1.00 0.00 ? 7  LYS A HD2  1 
ATOM   112  H HD3  . LYS A 1 7  ? -5.769 -1.450 2.957  1.00 0.00 ? 7  LYS A HD3  1 
ATOM   113  H HE2  . LYS A 1 7  ? -7.308 -3.034 1.876  1.00 0.00 ? 7  LYS A HE2  1 
ATOM   114  H HE3  . LYS A 1 7  ? -6.000 -4.207 1.714  1.00 0.00 ? 7  LYS A HE3  1 
ATOM   115  H HZ1  . LYS A 1 7  ? -7.527 -4.474 3.691  1.00 0.00 ? 7  LYS A HZ1  1 
ATOM   116  H HZ2  . LYS A 1 7  ? -6.793 -3.083 4.334  1.00 0.00 ? 7  LYS A HZ2  1 
ATOM   117  H HZ3  . LYS A 1 7  ? -5.864 -4.471 4.022  1.00 0.00 ? 7  LYS A HZ3  1 
ATOM   118  N N    . SER A 1 8  ? -1.596 -0.766 -1.150 1.00 0.00 ? 8  SER A N    1 
ATOM   119  C CA   . SER A 1 8  ? -1.175 -1.137 -2.498 1.00 0.00 ? 8  SER A CA   1 
ATOM   120  C C    . SER A 1 8  ? 0.166  -1.842 -2.428 1.00 0.00 ? 8  SER A C    1 
ATOM   121  O O    . SER A 1 8  ? 0.558  -2.574 -3.338 1.00 0.00 ? 8  SER A O    1 
ATOM   122  C CB   . SER A 1 8  ? -1.063 0.108  -3.379 1.00 0.00 ? 8  SER A CB   1 
ATOM   123  O OG   . SER A 1 8  ? -2.367 0.564  -3.713 1.00 0.00 ? 8  SER A OG   1 
ATOM   124  H H    . SER A 1 8  ? -1.359 0.118  -0.796 1.00 0.00 ? 8  SER A H    1 
ATOM   125  H HA   . SER A 1 8  ? -1.903 -1.811 -2.926 1.00 0.00 ? 8  SER A HA   1 
ATOM   126  H HB2  . SER A 1 8  ? -0.541 0.884  -2.846 1.00 0.00 ? 8  SER A HB2  1 
ATOM   127  H HB3  . SER A 1 8  ? -0.515 -0.139 -4.279 1.00 0.00 ? 8  SER A HB3  1 
ATOM   128  H HG   . SER A 1 8  ? -3.001 0.044  -3.215 1.00 0.00 ? 8  SER A HG   1 
ATOM   129  N N    . LEU A 1 9  ? 0.860  -1.604 -1.328 1.00 0.00 ? 9  LEU A N    1 
ATOM   130  C CA   . LEU A 1 9  ? 2.162  -2.193 -1.096 1.00 0.00 ? 9  LEU A CA   1 
ATOM   131  C C    . LEU A 1 9  ? 2.017  -3.667 -0.727 1.00 0.00 ? 9  LEU A C    1 
ATOM   132  O O    . LEU A 1 9  ? 2.813  -4.504 -1.150 1.00 0.00 ? 9  LEU A O    1 
ATOM   133  C CB   . LEU A 1 9  ? 2.850  -1.396 0.023  1.00 0.00 ? 9  LEU A CB   1 
ATOM   134  C CG   . LEU A 1 9  ? 3.782  -2.279 0.849  1.00 0.00 ? 9  LEU A CG   1 
ATOM   135  C CD1  . LEU A 1 9  ? 5.017  -2.644 0.024  1.00 0.00 ? 9  LEU A CD1  1 
ATOM   136  C CD2  . LEU A 1 9  ? 4.203  -1.502 2.093  1.00 0.00 ? 9  LEU A CD2  1 
ATOM   137  H H    . LEU A 1 9  ? 0.484  -1.009 -0.647 1.00 0.00 ? 9  LEU A H    1 
ATOM   138  H HA   . LEU A 1 9  ? 2.750  -2.114 -1.995 1.00 0.00 ? 9  LEU A HA   1 
ATOM   139  H HB2  . LEU A 1 9  ? 3.423  -0.592 -0.416 1.00 0.00 ? 9  LEU A HB2  1 
ATOM   140  H HB3  . LEU A 1 9  ? 2.093  -0.976 0.670  1.00 0.00 ? 9  LEU A HB3  1 
ATOM   141  H HG   . LEU A 1 9  ? 3.263  -3.176 1.147  1.00 0.00 ? 9  LEU A HG   1 
ATOM   142  H HD11 . LEU A 1 9  ? 4.710  -3.136 -0.887 1.00 0.00 ? 9  LEU A HD11 1 
ATOM   143  H HD12 . LEU A 1 9  ? 5.648  -3.309 0.596  1.00 0.00 ? 9  LEU A HD12 1 
ATOM   144  H HD13 . LEU A 1 9  ? 5.566  -1.746 -0.219 1.00 0.00 ? 9  LEU A HD13 1 
ATOM   145  H HD21 . LEU A 1 9  ? 3.351  -1.387 2.748  1.00 0.00 ? 9  LEU A HD21 1 
ATOM   146  H HD22 . LEU A 1 9  ? 4.566  -0.528 1.801  1.00 0.00 ? 9  LEU A HD22 1 
ATOM   147  H HD23 . LEU A 1 9  ? 4.982  -2.041 2.607  1.00 0.00 ? 9  LEU A HD23 1 
ATOM   148  N N    . VAL A 1 10 ? 0.993  -3.979 0.060  1.00 0.00 ? 10 VAL A N    1 
ATOM   149  C CA   . VAL A 1 10 ? 0.758  -5.357 0.471  1.00 0.00 ? 10 VAL A CA   1 
ATOM   150  C C    . VAL A 1 10 ? 0.597  -6.249 -0.754 1.00 0.00 ? 10 VAL A C    1 
ATOM   151  O O    . VAL A 1 10 ? 0.983  -7.418 -0.740 1.00 0.00 ? 10 VAL A O    1 
ATOM   152  C CB   . VAL A 1 10 ? -0.496 -5.442 1.350  1.00 0.00 ? 10 VAL A CB   1 
ATOM   153  C CG1  . VAL A 1 10 ? -1.752 -5.428 0.473  1.00 0.00 ? 10 VAL A CG1  1 
ATOM   154  C CG2  . VAL A 1 10 ? -0.458 -6.739 2.164  1.00 0.00 ? 10 VAL A CG2  1 
ATOM   155  H H    . VAL A 1 10 ? 0.388  -3.273 0.366  1.00 0.00 ? 10 VAL A H    1 
ATOM   156  H HA   . VAL A 1 10 ? 1.608  -5.700 1.041  1.00 0.00 ? 10 VAL A HA   1 
ATOM   157  H HB   . VAL A 1 10 ? -0.519 -4.597 2.022  1.00 0.00 ? 10 VAL A HB   1 
ATOM   158  H HG11 . VAL A 1 10 ? -2.597 -5.101 1.060  1.00 0.00 ? 10 VAL A HG11 1 
ATOM   159  H HG12 . VAL A 1 10 ? -1.939 -6.421 0.093  1.00 0.00 ? 10 VAL A HG12 1 
ATOM   160  H HG13 . VAL A 1 10 ? -1.606 -4.750 -0.354 1.00 0.00 ? 10 VAL A HG13 1 
ATOM   161  H HG21 . VAL A 1 10 ? -1.366 -6.826 2.743  1.00 0.00 ? 10 VAL A HG21 1 
ATOM   162  H HG22 . VAL A 1 10 ? 0.393  -6.723 2.827  1.00 0.00 ? 10 VAL A HG22 1 
ATOM   163  H HG23 . VAL A 1 10 ? -0.377 -7.582 1.493  1.00 0.00 ? 10 VAL A HG23 1 
ATOM   164  N N    . SER A 1 11 ? 0.024  -5.688 -1.815 1.00 0.00 ? 11 SER A N    1 
ATOM   165  C CA   . SER A 1 11 ? -0.180 -6.442 -3.043 1.00 0.00 ? 11 SER A CA   1 
ATOM   166  C C    . SER A 1 11 ? 1.148  -6.665 -3.760 1.00 0.00 ? 11 SER A C    1 
ATOM   167  O O    . SER A 1 11 ? 1.263  -7.538 -4.620 1.00 0.00 ? 11 SER A O    1 
ATOM   168  C CB   . SER A 1 11 ? -1.137 -5.688 -3.965 1.00 0.00 ? 11 SER A CB   1 
ATOM   169  O OG   . SER A 1 11 ? -0.431 -4.642 -4.621 1.00 0.00 ? 11 SER A OG   1 
ATOM   170  H H    . SER A 1 11 ? -0.264 -4.749 -1.769 1.00 0.00 ? 11 SER A H    1 
ATOM   171  H HA   . SER A 1 11 ? -0.613 -7.400 -2.799 1.00 0.00 ? 11 SER A HA   1 
ATOM   172  H HB2  . SER A 1 11 ? -1.536 -6.362 -4.704 1.00 0.00 ? 11 SER A HB2  1 
ATOM   173  H HB3  . SER A 1 11 ? -1.949 -5.277 -3.381 1.00 0.00 ? 11 SER A HB3  1 
ATOM   174  H HG   . SER A 1 11 ? 0.505  -4.765 -4.451 1.00 0.00 ? 11 SER A HG   1 
ATOM   175  N N    . ASP A 1 12 ? 2.148  -5.867 -3.398 1.00 0.00 ? 12 ASP A N    1 
ATOM   176  C CA   . ASP A 1 12 ? 3.468  -5.979 -4.012 1.00 0.00 ? 12 ASP A CA   1 
ATOM   177  C C    . ASP A 1 12 ? 4.325  -7.004 -3.275 1.00 0.00 ? 12 ASP A C    1 
ATOM   178  O O    . ASP A 1 12 ? 4.354  -8.180 -3.641 1.00 0.00 ? 12 ASP A O    1 
ATOM   179  C CB   . ASP A 1 12 ? 4.169  -4.620 -3.996 1.00 0.00 ? 12 ASP A CB   1 
ATOM   180  C CG   . ASP A 1 12 ? 3.374  -3.613 -4.819 1.00 0.00 ? 12 ASP A CG   1 
ATOM   181  O OD1  . ASP A 1 12 ? 2.310  -3.974 -5.295 1.00 0.00 ? 12 ASP A OD1  1 
ATOM   182  O OD2  . ASP A 1 12 ? 3.839  -2.493 -4.961 1.00 0.00 ? 12 ASP A OD2  1 
ATOM   183  H H    . ASP A 1 12 ? 1.995  -5.188 -2.708 1.00 0.00 ? 12 ASP A H    1 
ATOM   184  H HA   . ASP A 1 12 ? 3.351  -6.295 -5.038 1.00 0.00 ? 12 ASP A HA   1 
ATOM   185  H HB2  . ASP A 1 12 ? 4.248  -4.269 -2.977 1.00 0.00 ? 12 ASP A HB2  1 
ATOM   186  H HB3  . ASP A 1 12 ? 5.158  -4.722 -4.417 1.00 0.00 ? 12 ASP A HB3  1 
ATOM   187  N N    . PHE A 1 13 ? 5.028  -6.552 -2.239 1.00 0.00 ? 13 PHE A N    1 
ATOM   188  C CA   . PHE A 1 13 ? 5.888  -7.442 -1.467 1.00 0.00 ? 13 PHE A CA   1 
ATOM   189  C C    . PHE A 1 13 ? 5.061  -8.306 -0.517 1.00 0.00 ? 13 PHE A C    1 
ATOM   190  O O    . PHE A 1 13 ? 5.563  -8.765 0.508  1.00 0.00 ? 13 PHE A O    1 
ATOM   191  C CB   . PHE A 1 13 ? 6.922  -6.618 -0.680 1.00 0.00 ? 13 PHE A CB   1 
ATOM   192  C CG   . PHE A 1 13 ? 6.383  -6.253 0.688  1.00 0.00 ? 13 PHE A CG   1 
ATOM   193  C CD1  . PHE A 1 13 ? 5.053  -5.841 0.838  1.00 0.00 ? 13 PHE A CD1  1 
ATOM   194  C CD2  . PHE A 1 13 ? 7.221  -6.329 1.808  1.00 0.00 ? 13 PHE A CD2  1 
ATOM   195  C CE1  . PHE A 1 13 ? 4.563  -5.506 2.106  1.00 0.00 ? 13 PHE A CE1  1 
ATOM   196  C CE2  . PHE A 1 13 ? 6.731  -5.993 3.075  1.00 0.00 ? 13 PHE A CE2  1 
ATOM   197  C CZ   . PHE A 1 13 ? 5.401  -5.582 3.224  1.00 0.00 ? 13 PHE A CZ   1 
ATOM   198  H H    . PHE A 1 13 ? 4.971  -5.604 -1.996 1.00 0.00 ? 13 PHE A H    1 
ATOM   199  H HA   . PHE A 1 13 ? 6.415  -8.091 -2.152 1.00 0.00 ? 13 PHE A HA   1 
ATOM   200  H HB2  . PHE A 1 13 ? 7.826  -7.198 -0.564 1.00 0.00 ? 13 PHE A HB2  1 
ATOM   201  H HB3  . PHE A 1 13 ? 7.146  -5.715 -1.227 1.00 0.00 ? 13 PHE A HB3  1 
ATOM   202  H HD1  . PHE A 1 13 ? 4.406  -5.782 -0.025 1.00 0.00 ? 13 PHE A HD1  1 
ATOM   203  H HD2  . PHE A 1 13 ? 8.248  -6.646 1.693  1.00 0.00 ? 13 PHE A HD2  1 
ATOM   204  H HE1  . PHE A 1 13 ? 3.538  -5.189 2.222  1.00 0.00 ? 13 PHE A HE1  1 
ATOM   205  H HE2  . PHE A 1 13 ? 7.377  -6.052 3.938  1.00 0.00 ? 13 PHE A HE2  1 
ATOM   206  H HZ   . PHE A 1 13 ? 5.022  -5.324 4.202  1.00 0.00 ? 13 PHE A HZ   1 
HETATM 207  N N    . NH2 A 1 14 ? 3.810  -8.554 -0.801 1.00 0.00 ? 14 NH2 A N    1 
HETATM 208  H HN1  . NH2 A 1 14 ? 3.412  -8.188 -1.617 1.00 0.00 ? 14 NH2 A HN1  1 
HETATM 209  H HN2  . NH2 A 1 14 ? 3.272  -9.107 -0.197 1.00 0.00 ? 14 NH2 A HN2  1 
ATOM   210  N N    . GLY A 1 1  ? -5.066 10.179 -0.854 1.00 0.00 ? 1  GLY A N    2 
ATOM   211  C CA   . GLY A 1 1  ? -5.391 8.872  -0.216 1.00 0.00 ? 1  GLY A CA   2 
ATOM   212  C C    . GLY A 1 1  ? -4.120 8.036  -0.091 1.00 0.00 ? 1  GLY A C    2 
ATOM   213  O O    . GLY A 1 1  ? -4.059 6.907  -0.577 1.00 0.00 ? 1  GLY A O    2 
ATOM   214  H H1   . GLY A 1 1  ? -4.752 10.852 -0.125 1.00 0.00 ? 1  GLY A H1   2 
ATOM   215  H H2   . GLY A 1 1  ? -5.912 10.552 -1.329 1.00 0.00 ? 1  GLY A H2   2 
ATOM   216  H H3   . GLY A 1 1  ? -4.306 10.046 -1.550 1.00 0.00 ? 1  GLY A H3   2 
ATOM   217  H HA2  . GLY A 1 1  ? -5.808 9.043  0.765  1.00 0.00 ? 1  GLY A HA2  2 
ATOM   218  H HA3  . GLY A 1 1  ? -6.107 8.341  -0.825 1.00 0.00 ? 1  GLY A HA3  2 
ATOM   219  N N    . LEU A 1 2  ? -3.110 8.599  0.565  1.00 0.00 ? 2  LEU A N    2 
ATOM   220  C CA   . LEU A 1 2  ? -1.846 7.899  0.749  1.00 0.00 ? 2  LEU A CA   2 
ATOM   221  C C    . LEU A 1 2  ? -2.089 6.453  1.175  1.00 0.00 ? 2  LEU A C    2 
ATOM   222  O O    . LEU A 1 2  ? -1.208 5.602  1.048  1.00 0.00 ? 2  LEU A O    2 
ATOM   223  C CB   . LEU A 1 2  ? -1.010 8.620  1.812  1.00 0.00 ? 2  LEU A CB   2 
ATOM   224  C CG   . LEU A 1 2  ? 0.483  8.381  1.557  1.00 0.00 ? 2  LEU A CG   2 
ATOM   225  C CD1  . LEU A 1 2  ? 0.954  9.218  0.358  1.00 0.00 ? 2  LEU A CD1  2 
ATOM   226  C CD2  . LEU A 1 2  ? 1.273  8.786  2.804  1.00 0.00 ? 2  LEU A CD2  2 
ATOM   227  H H    . LEU A 1 2  ? -3.217 9.502  0.931  1.00 0.00 ? 2  LEU A H    2 
ATOM   228  H HA   . LEU A 1 2  ? -1.307 7.903  -0.185 1.00 0.00 ? 2  LEU A HA   2 
ATOM   229  H HB2  . LEU A 1 2  ? -1.219 9.679  1.774  1.00 0.00 ? 2  LEU A HB2  2 
ATOM   230  H HB3  . LEU A 1 2  ? -1.270 8.242  2.790  1.00 0.00 ? 2  LEU A HB3  2 
ATOM   231  H HG   . LEU A 1 2  ? 0.648  7.335  1.350  1.00 0.00 ? 2  LEU A HG   2 
ATOM   232  H HD11 . LEU A 1 2  ? 2.014  9.412  0.449  1.00 0.00 ? 2  LEU A HD11 2 
ATOM   233  H HD12 . LEU A 1 2  ? 0.420  10.155 0.333  1.00 0.00 ? 2  LEU A HD12 2 
ATOM   234  H HD13 . LEU A 1 2  ? 0.769  8.674  -0.556 1.00 0.00 ? 2  LEU A HD13 2 
ATOM   235  H HD21 . LEU A 1 2  ? 0.993  9.786  3.099  1.00 0.00 ? 2  LEU A HD21 2 
ATOM   236  H HD22 . LEU A 1 2  ? 2.330  8.758  2.585  1.00 0.00 ? 2  LEU A HD22 2 
ATOM   237  H HD23 . LEU A 1 2  ? 1.054  8.098  3.608  1.00 0.00 ? 2  LEU A HD23 2 
ATOM   238  N N    . PHE A 1 3  ? -3.287 6.182  1.681  1.00 0.00 ? 3  PHE A N    2 
ATOM   239  C CA   . PHE A 1 3  ? -3.631 4.835  2.122  1.00 0.00 ? 3  PHE A CA   2 
ATOM   240  C C    . PHE A 1 3  ? -3.574 3.858  0.951  1.00 0.00 ? 3  PHE A C    2 
ATOM   241  O O    . PHE A 1 3  ? -3.467 2.648  1.146  1.00 0.00 ? 3  PHE A O    2 
ATOM   242  C CB   . PHE A 1 3  ? -5.037 4.826  2.728  1.00 0.00 ? 3  PHE A CB   2 
ATOM   243  C CG   . PHE A 1 3  ? -5.242 3.550  3.510  1.00 0.00 ? 3  PHE A CG   2 
ATOM   244  C CD1  . PHE A 1 3  ? -4.891 3.495  4.863  1.00 0.00 ? 3  PHE A CD1  2 
ATOM   245  C CD2  . PHE A 1 3  ? -5.781 2.422  2.880  1.00 0.00 ? 3  PHE A CD2  2 
ATOM   246  C CE1  . PHE A 1 3  ? -5.080 2.313  5.589  1.00 0.00 ? 3  PHE A CE1  2 
ATOM   247  C CE2  . PHE A 1 3  ? -5.971 1.239  3.605  1.00 0.00 ? 3  PHE A CE2  2 
ATOM   248  C CZ   . PHE A 1 3  ? -5.620 1.185  4.959  1.00 0.00 ? 3  PHE A CZ   2 
ATOM   249  H H    . PHE A 1 3  ? -3.950 6.899  1.759  1.00 0.00 ? 3  PHE A H    2 
ATOM   250  H HA   . PHE A 1 3  ? -2.925 4.522  2.875  1.00 0.00 ? 3  PHE A HA   2 
ATOM   251  H HB2  . PHE A 1 3  ? -5.150 5.675  3.387  1.00 0.00 ? 3  PHE A HB2  2 
ATOM   252  H HB3  . PHE A 1 3  ? -5.770 4.885  1.937  1.00 0.00 ? 3  PHE A HB3  2 
ATOM   253  H HD1  . PHE A 1 3  ? -4.474 4.366  5.349  1.00 0.00 ? 3  PHE A HD1  2 
ATOM   254  H HD2  . PHE A 1 3  ? -6.052 2.465  1.835  1.00 0.00 ? 3  PHE A HD2  2 
ATOM   255  H HE1  . PHE A 1 3  ? -4.809 2.271  6.634  1.00 0.00 ? 3  PHE A HE1  2 
ATOM   256  H HE2  . PHE A 1 3  ? -6.387 0.369  3.120  1.00 0.00 ? 3  PHE A HE2  2 
ATOM   257  H HZ   . PHE A 1 3  ? -5.765 0.273  5.519  1.00 0.00 ? 3  PHE A HZ   2 
ATOM   258  N N    . ASP A 1 4  ? -3.646 4.394  -0.263 1.00 0.00 ? 4  ASP A N    2 
ATOM   259  C CA   . ASP A 1 4  ? -3.601 3.560  -1.459 1.00 0.00 ? 4  ASP A CA   2 
ATOM   260  C C    . ASP A 1 4  ? -2.212 2.955  -1.639 1.00 0.00 ? 4  ASP A C    2 
ATOM   261  O O    . ASP A 1 4  ? -2.056 1.919  -2.285 1.00 0.00 ? 4  ASP A O    2 
ATOM   262  C CB   . ASP A 1 4  ? -3.960 4.393  -2.691 1.00 0.00 ? 4  ASP A CB   2 
ATOM   263  C CG   . ASP A 1 4  ? -5.451 4.715  -2.685 1.00 0.00 ? 4  ASP A CG   2 
ATOM   264  O OD1  . ASP A 1 4  ? -5.959 5.057  -1.630 1.00 0.00 ? 4  ASP A OD1  2 
ATOM   265  O OD2  . ASP A 1 4  ? -6.062 4.615  -3.736 1.00 0.00 ? 4  ASP A OD2  2 
ATOM   266  H H    . ASP A 1 4  ? -3.730 5.365  -0.356 1.00 0.00 ? 4  ASP A H    2 
ATOM   267  H HA   . ASP A 1 4  ? -4.320 2.761  -1.357 1.00 0.00 ? 4  ASP A HA   2 
ATOM   268  H HB2  . ASP A 1 4  ? -3.395 5.314  -2.677 1.00 0.00 ? 4  ASP A HB2  2 
ATOM   269  H HB3  . ASP A 1 4  ? -3.719 3.837  -3.583 1.00 0.00 ? 4  ASP A HB3  2 
ATOM   270  N N    . ILE A 1 5  ? -1.208 3.609  -1.065 1.00 0.00 ? 5  ILE A N    2 
ATOM   271  C CA   . ILE A 1 5  ? 0.160  3.133  -1.165 1.00 0.00 ? 5  ILE A CA   2 
ATOM   272  C C    . ILE A 1 5  ? 0.409  2.034  -0.133 1.00 0.00 ? 5  ILE A C    2 
ATOM   273  O O    . ILE A 1 5  ? 1.238  1.150  -0.341 1.00 0.00 ? 5  ILE A O    2 
ATOM   274  C CB   . ILE A 1 5  ? 1.112  4.317  -0.938 1.00 0.00 ? 5  ILE A CB   2 
ATOM   275  C CG1  . ILE A 1 5  ? 1.496  4.936  -2.286 1.00 0.00 ? 5  ILE A CG1  2 
ATOM   276  C CG2  . ILE A 1 5  ? 2.376  3.853  -0.217 1.00 0.00 ? 5  ILE A CG2  2 
ATOM   277  C CD1  . ILE A 1 5  ? 0.235  5.415  -3.009 1.00 0.00 ? 5  ILE A CD1  2 
ATOM   278  H H    . ILE A 1 5  ? -1.387 4.429  -0.563 1.00 0.00 ? 5  ILE A H    2 
ATOM   279  H HA   . ILE A 1 5  ? 0.324  2.730  -2.153 1.00 0.00 ? 5  ILE A HA   2 
ATOM   280  H HB   . ILE A 1 5  ? 0.614  5.061  -0.334 1.00 0.00 ? 5  ILE A HB   2 
ATOM   281  H HG12 . ILE A 1 5  ? 2.158  5.773  -2.121 1.00 0.00 ? 5  ILE A HG12 2 
ATOM   282  H HG13 . ILE A 1 5  ? 1.995  4.196  -2.892 1.00 0.00 ? 5  ILE A HG13 2 
ATOM   283  H HG21 . ILE A 1 5  ? 3.127  4.625  -0.280 1.00 0.00 ? 5  ILE A HG21 2 
ATOM   284  H HG22 . ILE A 1 5  ? 2.744  2.952  -0.682 1.00 0.00 ? 5  ILE A HG22 2 
ATOM   285  H HG23 . ILE A 1 5  ? 2.145  3.658  0.820  1.00 0.00 ? 5  ILE A HG23 2 
ATOM   286  H HD11 . ILE A 1 5  ? -0.430 5.888  -2.300 1.00 0.00 ? 5  ILE A HD11 2 
ATOM   287  H HD12 . ILE A 1 5  ? -0.264 4.571  -3.462 1.00 0.00 ? 5  ILE A HD12 2 
ATOM   288  H HD13 . ILE A 1 5  ? 0.508  6.126  -3.775 1.00 0.00 ? 5  ILE A HD13 2 
ATOM   289  N N    . VAL A 1 6  ? -0.317 2.099  0.979  1.00 0.00 ? 6  VAL A N    2 
ATOM   290  C CA   . VAL A 1 6  ? -0.168 1.108  2.036  1.00 0.00 ? 6  VAL A CA   2 
ATOM   291  C C    . VAL A 1 6  ? -0.793 -0.221 1.618  1.00 0.00 ? 6  VAL A C    2 
ATOM   292  O O    . VAL A 1 6  ? -0.370 -1.285 2.069  1.00 0.00 ? 6  VAL A O    2 
ATOM   293  C CB   . VAL A 1 6  ? -0.836 1.606  3.318  1.00 0.00 ? 6  VAL A CB   2 
ATOM   294  C CG1  . VAL A 1 6  ? -0.441 0.701  4.486  1.00 0.00 ? 6  VAL A CG1  2 
ATOM   295  C CG2  . VAL A 1 6  ? -0.377 3.038  3.606  1.00 0.00 ? 6  VAL A CG2  2 
ATOM   296  H H    . VAL A 1 6  ? -0.963 2.827  1.090  1.00 0.00 ? 6  VAL A H    2 
ATOM   297  H HA   . VAL A 1 6  ? 0.883  0.955  2.229  1.00 0.00 ? 6  VAL A HA   2 
ATOM   298  H HB   . VAL A 1 6  ? -1.909 1.587  3.195  1.00 0.00 ? 6  VAL A HB   2 
ATOM   299  H HG11 . VAL A 1 6  ? 0.635  0.648  4.552  1.00 0.00 ? 6  VAL A HG11 2 
ATOM   300  H HG12 . VAL A 1 6  ? -0.842 -0.288 4.326  1.00 0.00 ? 6  VAL A HG12 2 
ATOM   301  H HG13 . VAL A 1 6  ? -0.838 1.106  5.405  1.00 0.00 ? 6  VAL A HG13 2 
ATOM   302  H HG21 . VAL A 1 6  ? 0.700  3.061  3.687  1.00 0.00 ? 6  VAL A HG21 2 
ATOM   303  H HG22 . VAL A 1 6  ? -0.816 3.377  4.533  1.00 0.00 ? 6  VAL A HG22 2 
ATOM   304  H HG23 . VAL A 1 6  ? -0.692 3.685  2.801  1.00 0.00 ? 6  VAL A HG23 2 
ATOM   305  N N    . LYS A 1 7  ? -1.802 -0.148 0.758  1.00 0.00 ? 7  LYS A N    2 
ATOM   306  C CA   . LYS A 1 7  ? -2.482 -1.351 0.287  1.00 0.00 ? 7  LYS A CA   2 
ATOM   307  C C    . LYS A 1 7  ? -1.690 -2.014 -0.836 1.00 0.00 ? 7  LYS A C    2 
ATOM   308  O O    . LYS A 1 7  ? -1.795 -3.220 -1.052 1.00 0.00 ? 7  LYS A O    2 
ATOM   309  C CB   . LYS A 1 7  ? -3.884 -0.993 -0.213 1.00 0.00 ? 7  LYS A CB   2 
ATOM   310  C CG   . LYS A 1 7  ? -4.699 -2.273 -0.442 1.00 0.00 ? 7  LYS A CG   2 
ATOM   311  C CD   . LYS A 1 7  ? -5.045 -2.927 0.904  1.00 0.00 ? 7  LYS A CD   2 
ATOM   312  C CE   . LYS A 1 7  ? -6.331 -3.745 0.760  1.00 0.00 ? 7  LYS A CE   2 
ATOM   313  N NZ   . LYS A 1 7  ? -6.178 -4.720 -0.357 1.00 0.00 ? 7  LYS A NZ   2 
ATOM   314  H H    . LYS A 1 7  ? -2.097 0.729  0.433  1.00 0.00 ? 7  LYS A H    2 
ATOM   315  H HA   . LYS A 1 7  ? -2.571 -2.045 1.108  1.00 0.00 ? 7  LYS A HA   2 
ATOM   316  H HB2  . LYS A 1 7  ? -4.380 -0.375 0.521  1.00 0.00 ? 7  LYS A HB2  2 
ATOM   317  H HB3  . LYS A 1 7  ? -3.804 -0.451 -1.142 1.00 0.00 ? 7  LYS A HB3  2 
ATOM   318  H HG2  . LYS A 1 7  ? -5.609 -2.025 -0.969 1.00 0.00 ? 7  LYS A HG2  2 
ATOM   319  H HG3  . LYS A 1 7  ? -4.119 -2.964 -1.036 1.00 0.00 ? 7  LYS A HG3  2 
ATOM   320  H HD2  . LYS A 1 7  ? -4.240 -3.580 1.206  1.00 0.00 ? 7  LYS A HD2  2 
ATOM   321  H HD3  . LYS A 1 7  ? -5.191 -2.164 1.654  1.00 0.00 ? 7  LYS A HD3  2 
ATOM   322  H HE2  . LYS A 1 7  ? -6.524 -4.278 1.679  1.00 0.00 ? 7  LYS A HE2  2 
ATOM   323  H HE3  . LYS A 1 7  ? -7.158 -3.083 0.548  1.00 0.00 ? 7  LYS A HE3  2 
ATOM   324  H HZ1  . LYS A 1 7  ? -5.199 -5.069 -0.381 1.00 0.00 ? 7  LYS A HZ1  2 
ATOM   325  H HZ2  . LYS A 1 7  ? -6.403 -4.252 -1.259 1.00 0.00 ? 7  LYS A HZ2  2 
ATOM   326  H HZ3  . LYS A 1 7  ? -6.825 -5.520 -0.211 1.00 0.00 ? 7  LYS A HZ3  2 
ATOM   327  N N    . SER A 1 8  ? -0.891 -1.223 -1.542 1.00 0.00 ? 8  SER A N    2 
ATOM   328  C CA   . SER A 1 8  ? -0.076 -1.753 -2.632 1.00 0.00 ? 8  SER A CA   2 
ATOM   329  C C    . SER A 1 8  ? 1.239  -2.269 -2.075 1.00 0.00 ? 8  SER A C    2 
ATOM   330  O O    . SER A 1 8  ? 1.922  -3.087 -2.692 1.00 0.00 ? 8  SER A O    2 
ATOM   331  C CB   . SER A 1 8  ? 0.191  -0.666 -3.672 1.00 0.00 ? 8  SER A CB   2 
ATOM   332  O OG   . SER A 1 8  ? 0.700  -1.264 -4.857 1.00 0.00 ? 8  SER A OG   2 
ATOM   333  H H    . SER A 1 8  ? -0.832 -0.270 -1.316 1.00 0.00 ? 8  SER A H    2 
ATOM   334  H HA   . SER A 1 8  ? -0.600 -2.574 -3.101 1.00 0.00 ? 8  SER A HA   2 
ATOM   335  H HB2  . SER A 1 8  ? -0.728 -0.152 -3.902 1.00 0.00 ? 8  SER A HB2  2 
ATOM   336  H HB3  . SER A 1 8  ? 0.907  0.041  -3.278 1.00 0.00 ? 8  SER A HB3  2 
ATOM   337  H HG   . SER A 1 8  ? 0.606  -0.632 -5.574 1.00 0.00 ? 8  SER A HG   2 
ATOM   338  N N    . LEU A 1 9  ? 1.577  -1.770 -0.898 1.00 0.00 ? 9  LEU A N    2 
ATOM   339  C CA   . LEU A 1 9  ? 2.799  -2.152 -0.222 1.00 0.00 ? 9  LEU A CA   2 
ATOM   340  C C    . LEU A 1 9  ? 2.639  -3.531 0.409  1.00 0.00 ? 9  LEU A C    2 
ATOM   341  O O    . LEU A 1 9  ? 3.588  -4.314 0.462  1.00 0.00 ? 9  LEU A O    2 
ATOM   342  C CB   . LEU A 1 9  ? 3.110  -1.080 0.833  1.00 0.00 ? 9  LEU A CB   2 
ATOM   343  C CG   . LEU A 1 9  ? 3.834  -1.675 2.040  1.00 0.00 ? 9  LEU A CG   2 
ATOM   344  C CD1  . LEU A 1 9  ? 5.278  -2.015 1.664  1.00 0.00 ? 9  LEU A CD1  2 
ATOM   345  C CD2  . LEU A 1 9  ? 3.825  -0.642 3.164  1.00 0.00 ? 9  LEU A CD2  2 
ATOM   346  H H    . LEU A 1 9  ? 0.983  -1.123 -0.467 1.00 0.00 ? 9  LEU A H    2 
ATOM   347  H HA   . LEU A 1 9  ? 3.605  -2.184 -0.939 1.00 0.00 ? 9  LEU A HA   2 
ATOM   348  H HB2  . LEU A 1 9  ? 3.732  -0.317 0.391  1.00 0.00 ? 9  LEU A HB2  2 
ATOM   349  H HB3  . LEU A 1 9  ? 2.184  -0.634 1.162  1.00 0.00 ? 9  LEU A HB3  2 
ATOM   350  H HG   . LEU A 1 9  ? 3.325  -2.565 2.370  1.00 0.00 ? 9  LEU A HG   2 
ATOM   351  H HD11 . LEU A 1 9  ? 5.282  -2.735 0.861  1.00 0.00 ? 9  LEU A HD11 2 
ATOM   352  H HD12 . LEU A 1 9  ? 5.784  -2.430 2.523  1.00 0.00 ? 9  LEU A HD12 2 
ATOM   353  H HD13 . LEU A 1 9  ? 5.788  -1.118 1.346  1.00 0.00 ? 9  LEU A HD13 2 
ATOM   354  H HD21 . LEU A 1 9  ? 2.808  -0.481 3.494  1.00 0.00 ? 9  LEU A HD21 2 
ATOM   355  H HD22 . LEU A 1 9  ? 4.235  0.289  2.800  1.00 0.00 ? 9  LEU A HD22 2 
ATOM   356  H HD23 . LEU A 1 9  ? 4.419  -1.001 3.989  1.00 0.00 ? 9  LEU A HD23 2 
ATOM   357  N N    . VAL A 1 10 ? 1.432  -3.825 0.879  1.00 0.00 ? 10 VAL A N    2 
ATOM   358  C CA   . VAL A 1 10 ? 1.164  -5.117 1.496  1.00 0.00 ? 10 VAL A CA   2 
ATOM   359  C C    . VAL A 1 10 ? 1.454  -6.237 0.504  1.00 0.00 ? 10 VAL A C    2 
ATOM   360  O O    . VAL A 1 10 ? 1.921  -7.311 0.883  1.00 0.00 ? 10 VAL A O    2 
ATOM   361  C CB   . VAL A 1 10 ? -0.295 -5.191 1.963  1.00 0.00 ? 10 VAL A CB   2 
ATOM   362  C CG1  . VAL A 1 10 ? -1.206 -5.543 0.783  1.00 0.00 ? 10 VAL A CG1  2 
ATOM   363  C CG2  . VAL A 1 10 ? -0.428 -6.264 3.046  1.00 0.00 ? 10 VAL A CG2  2 
ATOM   364  H H    . VAL A 1 10 ? 0.711  -3.166 0.806  1.00 0.00 ? 10 VAL A H    2 
ATOM   365  H HA   . VAL A 1 10 ? 1.812  -5.235 2.351  1.00 0.00 ? 10 VAL A HA   2 
ATOM   366  H HB   . VAL A 1 10 ? -0.589 -4.233 2.368  1.00 0.00 ? 10 VAL A HB   2 
ATOM   367  H HG11 . VAL A 1 10 ? -2.220 -5.246 1.009  1.00 0.00 ? 10 VAL A HG11 2 
ATOM   368  H HG12 . VAL A 1 10 ? -1.174 -6.609 0.607  1.00 0.00 ? 10 VAL A HG12 2 
ATOM   369  H HG13 . VAL A 1 10 ? -0.869 -5.025 -0.101 1.00 0.00 ? 10 VAL A HG13 2 
ATOM   370  H HG21 . VAL A 1 10 ? -0.087 -7.212 2.657  1.00 0.00 ? 10 VAL A HG21 2 
ATOM   371  H HG22 . VAL A 1 10 ? -1.462 -6.348 3.345  1.00 0.00 ? 10 VAL A HG22 2 
ATOM   372  H HG23 . VAL A 1 10 ? 0.173  -5.990 3.900  1.00 0.00 ? 10 VAL A HG23 2 
ATOM   373  N N    . SER A 1 11 ? 1.178  -5.974 -0.770 1.00 0.00 ? 11 SER A N    2 
ATOM   374  C CA   . SER A 1 11 ? 1.420  -6.966 -1.808 1.00 0.00 ? 11 SER A CA   2 
ATOM   375  C C    . SER A 1 11 ? 2.917  -7.212 -1.961 1.00 0.00 ? 11 SER A C    2 
ATOM   376  O O    . SER A 1 11 ? 3.337  -8.202 -2.558 1.00 0.00 ? 11 SER A O    2 
ATOM   377  C CB   . SER A 1 11 ? 0.839  -6.485 -3.138 1.00 0.00 ? 11 SER A CB   2 
ATOM   378  O OG   . SER A 1 11 ? 0.859  -7.557 -4.073 1.00 0.00 ? 11 SER A OG   2 
ATOM   379  H H    . SER A 1 11 ? 0.809  -5.096 -1.015 1.00 0.00 ? 11 SER A H    2 
ATOM   380  H HA   . SER A 1 11 ? 0.938  -7.891 -1.529 1.00 0.00 ? 11 SER A HA   2 
ATOM   381  H HB2  . SER A 1 11 ? -0.178 -6.161 -2.993 1.00 0.00 ? 11 SER A HB2  2 
ATOM   382  H HB3  . SER A 1 11 ? 1.429  -5.659 -3.510 1.00 0.00 ? 11 SER A HB3  2 
ATOM   383  H HG   . SER A 1 11 ? 1.468  -8.224 -3.747 1.00 0.00 ? 11 SER A HG   2 
ATOM   384  N N    . ASP A 1 12 ? 3.716  -6.299 -1.413 1.00 0.00 ? 12 ASP A N    2 
ATOM   385  C CA   . ASP A 1 12 ? 5.169  -6.419 -1.491 1.00 0.00 ? 12 ASP A CA   2 
ATOM   386  C C    . ASP A 1 12 ? 5.710  -7.201 -0.298 1.00 0.00 ? 12 ASP A C    2 
ATOM   387  O O    . ASP A 1 12 ? 6.022  -8.386 -0.412 1.00 0.00 ? 12 ASP A O    2 
ATOM   388  C CB   . ASP A 1 12 ? 5.807  -5.028 -1.523 1.00 0.00 ? 12 ASP A CB   2 
ATOM   389  C CG   . ASP A 1 12 ? 5.124  -4.166 -2.579 1.00 0.00 ? 12 ASP A CG   2 
ATOM   390  O OD1  . ASP A 1 12 ? 4.476  -4.728 -3.448 1.00 0.00 ? 12 ASP A OD1  2 
ATOM   391  O OD2  . ASP A 1 12 ? 5.259  -2.955 -2.505 1.00 0.00 ? 12 ASP A OD2  2 
ATOM   392  H H    . ASP A 1 12 ? 3.322  -5.530 -0.950 1.00 0.00 ? 12 ASP A H    2 
ATOM   393  H HA   . ASP A 1 12 ? 5.431  -6.941 -2.399 1.00 0.00 ? 12 ASP A HA   2 
ATOM   394  H HB2  . ASP A 1 12 ? 5.699  -4.561 -0.555 1.00 0.00 ? 12 ASP A HB2  2 
ATOM   395  H HB3  . ASP A 1 12 ? 6.855  -5.121 -1.761 1.00 0.00 ? 12 ASP A HB3  2 
ATOM   396  N N    . PHE A 1 13 ? 5.823  -6.531 0.847  1.00 0.00 ? 13 PHE A N    2 
ATOM   397  C CA   . PHE A 1 13 ? 6.333  -7.176 2.053  1.00 0.00 ? 13 PHE A CA   2 
ATOM   398  C C    . PHE A 1 13 ? 5.195  -7.829 2.837  1.00 0.00 ? 13 PHE A C    2 
ATOM   399  O O    . PHE A 1 13 ? 5.343  -8.125 4.023  1.00 0.00 ? 13 PHE A O    2 
ATOM   400  C CB   . PHE A 1 13 ? 7.063  -6.147 2.930  1.00 0.00 ? 13 PHE A CB   2 
ATOM   401  C CG   . PHE A 1 13 ? 6.099  -5.500 3.901  1.00 0.00 ? 13 PHE A CG   2 
ATOM   402  C CD1  . PHE A 1 13 ? 4.841  -5.068 3.462  1.00 0.00 ? 13 PHE A CD1  2 
ATOM   403  C CD2  . PHE A 1 13 ? 6.466  -5.334 5.242  1.00 0.00 ? 13 PHE A CD2  2 
ATOM   404  C CE1  . PHE A 1 13 ? 3.953  -4.469 4.365  1.00 0.00 ? 13 PHE A CE1  2 
ATOM   405  C CE2  . PHE A 1 13 ? 5.578  -4.737 6.144  1.00 0.00 ? 13 PHE A CE2  2 
ATOM   406  C CZ   . PHE A 1 13 ? 4.321  -4.304 5.705  1.00 0.00 ? 13 PHE A CZ   2 
ATOM   407  H H    . PHE A 1 13 ? 5.562  -5.587 0.881  1.00 0.00 ? 13 PHE A H    2 
ATOM   408  H HA   . PHE A 1 13 ? 7.036  -7.944 1.764  1.00 0.00 ? 13 PHE A HA   2 
ATOM   409  H HB2  . PHE A 1 13 ? 7.849  -6.641 3.483  1.00 0.00 ? 13 PHE A HB2  2 
ATOM   410  H HB3  . PHE A 1 13 ? 7.497  -5.386 2.298  1.00 0.00 ? 13 PHE A HB3  2 
ATOM   411  H HD1  . PHE A 1 13 ? 4.557  -5.194 2.428  1.00 0.00 ? 13 PHE A HD1  2 
ATOM   412  H HD2  . PHE A 1 13 ? 7.436  -5.667 5.581  1.00 0.00 ? 13 PHE A HD2  2 
ATOM   413  H HE1  . PHE A 1 13 ? 2.983  -4.136 4.029  1.00 0.00 ? 13 PHE A HE1  2 
ATOM   414  H HE2  . PHE A 1 13 ? 5.862  -4.609 7.178  1.00 0.00 ? 13 PHE A HE2  2 
ATOM   415  H HZ   . PHE A 1 13 ? 3.636  -3.843 6.401  1.00 0.00 ? 13 PHE A HZ   2 
HETATM 416  N N    . NH2 A 1 14 ? 4.062  -8.072 2.239  1.00 0.00 ? 14 NH2 A N    2 
HETATM 417  H HN1  . NH2 A 1 14 ? 3.946  -7.835 1.294  1.00 0.00 ? 14 NH2 A HN1  2 
HETATM 418  H HN2  . NH2 A 1 14 ? 3.326  -8.491 2.733  1.00 0.00 ? 14 NH2 A HN2  2 
ATOM   419  N N    . GLY A 1 1  ? 6.225  8.015  -2.426 1.00 0.00 ? 1  GLY A N    3 
ATOM   420  C CA   . GLY A 1 1  ? 6.862  7.483  -1.188 1.00 0.00 ? 1  GLY A CA   3 
ATOM   421  C C    . GLY A 1 1  ? 6.587  5.988  -1.075 1.00 0.00 ? 1  GLY A C    3 
ATOM   422  O O    . GLY A 1 1  ? 5.906  5.407  -1.921 1.00 0.00 ? 1  GLY A O    3 
ATOM   423  H H1   . GLY A 1 1  ? 5.994  7.226  -3.062 1.00 0.00 ? 1  GLY A H1   3 
ATOM   424  H H2   . GLY A 1 1  ? 6.883  8.664  -2.902 1.00 0.00 ? 1  GLY A H2   3 
ATOM   425  H H3   . GLY A 1 1  ? 5.353  8.523  -2.177 1.00 0.00 ? 1  GLY A H3   3 
ATOM   426  H HA2  . GLY A 1 1  ? 7.928  7.653  -1.231 1.00 0.00 ? 1  GLY A HA2  3 
ATOM   427  H HA3  . GLY A 1 1  ? 6.450  7.986  -0.326 1.00 0.00 ? 1  GLY A HA3  3 
ATOM   428  N N    . LEU A 1 2  ? 7.120  5.370  -0.027 1.00 0.00 ? 2  LEU A N    3 
ATOM   429  C CA   . LEU A 1 2  ? 6.928  3.943  0.189  1.00 0.00 ? 2  LEU A CA   3 
ATOM   430  C C    . LEU A 1 2  ? 5.586  3.690  0.871  1.00 0.00 ? 2  LEU A C    3 
ATOM   431  O O    . LEU A 1 2  ? 4.951  2.659  0.651  1.00 0.00 ? 2  LEU A O    3 
ATOM   432  C CB   . LEU A 1 2  ? 8.082  3.404  1.048  1.00 0.00 ? 2  LEU A CB   3 
ATOM   433  C CG   . LEU A 1 2  ? 7.645  2.146  1.811  1.00 0.00 ? 2  LEU A CG   3 
ATOM   434  C CD1  . LEU A 1 2  ? 8.884  1.323  2.172  1.00 0.00 ? 2  LEU A CD1  3 
ATOM   435  C CD2  . LEU A 1 2  ? 6.892  2.537  3.096  1.00 0.00 ? 2  LEU A CD2  3 
ATOM   436  H H    . LEU A 1 2  ? 7.654  5.881  0.616  1.00 0.00 ? 2  LEU A H    3 
ATOM   437  H HA   . LEU A 1 2  ? 6.937  3.438  -0.766 1.00 0.00 ? 2  LEU A HA   3 
ATOM   438  H HB2  . LEU A 1 2  ? 8.916  3.161  0.405  1.00 0.00 ? 2  LEU A HB2  3 
ATOM   439  H HB3  . LEU A 1 2  ? 8.388  4.164  1.752  1.00 0.00 ? 2  LEU A HB3  3 
ATOM   440  H HG   . LEU A 1 2  ? 6.998  1.551  1.181  1.00 0.00 ? 2  LEU A HG   3 
ATOM   441  H HD11 . LEU A 1 2  ? 8.614  0.561  2.887  1.00 0.00 ? 2  LEU A HD11 3 
ATOM   442  H HD12 . LEU A 1 2  ? 9.633  1.972  2.603  1.00 0.00 ? 2  LEU A HD12 3 
ATOM   443  H HD13 . LEU A 1 2  ? 9.281  0.859  1.282  1.00 0.00 ? 2  LEU A HD13 3 
ATOM   444  H HD21 . LEU A 1 2  ? 6.779  3.611  3.148  1.00 0.00 ? 2  LEU A HD21 3 
ATOM   445  H HD22 . LEU A 1 2  ? 7.443  2.196  3.961  1.00 0.00 ? 2  LEU A HD22 3 
ATOM   446  H HD23 . LEU A 1 2  ? 5.915  2.077  3.092  1.00 0.00 ? 2  LEU A HD23 3 
ATOM   447  N N    . PHE A 1 3  ? 5.163  4.638  1.699  1.00 0.00 ? 3  PHE A N    3 
ATOM   448  C CA   . PHE A 1 3  ? 3.896  4.509  2.408  1.00 0.00 ? 3  PHE A CA   3 
ATOM   449  C C    . PHE A 1 3  ? 2.744  4.332  1.423  1.00 0.00 ? 3  PHE A C    3 
ATOM   450  O O    . PHE A 1 3  ? 1.671  3.853  1.788  1.00 0.00 ? 3  PHE A O    3 
ATOM   451  C CB   . PHE A 1 3  ? 3.651  5.751  3.271  1.00 0.00 ? 3  PHE A CB   3 
ATOM   452  C CG   . PHE A 1 3  ? 2.639  5.432  4.344  1.00 0.00 ? 3  PHE A CG   3 
ATOM   453  C CD1  . PHE A 1 3  ? 3.047  4.793  5.521  1.00 0.00 ? 3  PHE A CD1  3 
ATOM   454  C CD2  . PHE A 1 3  ? 1.294  5.773  4.163  1.00 0.00 ? 3  PHE A CD2  3 
ATOM   455  C CE1  . PHE A 1 3  ? 2.110  4.495  6.518  1.00 0.00 ? 3  PHE A CE1  3 
ATOM   456  C CE2  . PHE A 1 3  ? 0.356  5.476  5.160  1.00 0.00 ? 3  PHE A CE2  3 
ATOM   457  C CZ   . PHE A 1 3  ? 0.764  4.837  6.337  1.00 0.00 ? 3  PHE A CZ   3 
ATOM   458  H H    . PHE A 1 3  ? 5.713  5.438  1.836  1.00 0.00 ? 3  PHE A H    3 
ATOM   459  H HA   . PHE A 1 3  ? 3.943  3.643  3.051  1.00 0.00 ? 3  PHE A HA   3 
ATOM   460  H HB2  . PHE A 1 3  ? 4.579  6.058  3.730  1.00 0.00 ? 3  PHE A HB2  3 
ATOM   461  H HB3  . PHE A 1 3  ? 3.275  6.552  2.651  1.00 0.00 ? 3  PHE A HB3  3 
ATOM   462  H HD1  . PHE A 1 3  ? 4.085  4.530  5.662  1.00 0.00 ? 3  PHE A HD1  3 
ATOM   463  H HD2  . PHE A 1 3  ? 0.979  6.266  3.256  1.00 0.00 ? 3  PHE A HD2  3 
ATOM   464  H HE1  . PHE A 1 3  ? 2.424  4.003  7.426  1.00 0.00 ? 3  PHE A HE1  3 
ATOM   465  H HE2  . PHE A 1 3  ? -0.682 5.740  5.020  1.00 0.00 ? 3  PHE A HE2  3 
ATOM   466  H HZ   . PHE A 1 3  ? 0.041  4.608  7.106  1.00 0.00 ? 3  PHE A HZ   3 
ATOM   467  N N    . ASP A 1 4  ? 2.975  4.725  0.174  1.00 0.00 ? 4  ASP A N    3 
ATOM   468  C CA   . ASP A 1 4  ? 1.949  4.607  -0.856 1.00 0.00 ? 4  ASP A CA   3 
ATOM   469  C C    . ASP A 1 4  ? 1.759  3.149  -1.262 1.00 0.00 ? 4  ASP A C    3 
ATOM   470  O O    . ASP A 1 4  ? 0.668  2.742  -1.660 1.00 0.00 ? 4  ASP A O    3 
ATOM   471  C CB   . ASP A 1 4  ? 2.341  5.433  -2.082 1.00 0.00 ? 4  ASP A CB   3 
ATOM   472  C CG   . ASP A 1 4  ? 2.765  6.833  -1.652 1.00 0.00 ? 4  ASP A CG   3 
ATOM   473  O OD1  . ASP A 1 4  ? 2.347  7.257  -0.587 1.00 0.00 ? 4  ASP A OD1  3 
ATOM   474  O OD2  . ASP A 1 4  ? 3.502  7.462  -2.394 1.00 0.00 ? 4  ASP A OD2  3 
ATOM   475  H H    . ASP A 1 4  ? 3.849  5.102  -0.058 1.00 0.00 ? 4  ASP A H    3 
ATOM   476  H HA   . ASP A 1 4  ? 1.015  4.985  -0.466 1.00 0.00 ? 4  ASP A HA   3 
ATOM   477  H HB2  . ASP A 1 4  ? 3.162  4.950  -2.592 1.00 0.00 ? 4  ASP A HB2  3 
ATOM   478  H HB3  . ASP A 1 4  ? 1.497  5.506  -2.751 1.00 0.00 ? 4  ASP A HB3  3 
ATOM   479  N N    . ILE A 1 5  ? 2.828  2.364  -1.154 1.00 0.00 ? 5  ILE A N    3 
ATOM   480  C CA   . ILE A 1 5  ? 2.765  0.958  -1.507 1.00 0.00 ? 5  ILE A CA   3 
ATOM   481  C C    . ILE A 1 5  ? 1.945  0.199  -0.466 1.00 0.00 ? 5  ILE A C    3 
ATOM   482  O O    . ILE A 1 5  ? 1.309  -0.809 -0.775 1.00 0.00 ? 5  ILE A O    3 
ATOM   483  C CB   . ILE A 1 5  ? 4.197  0.398  -1.596 1.00 0.00 ? 5  ILE A CB   3 
ATOM   484  C CG1  . ILE A 1 5  ? 4.652  0.365  -3.058 1.00 0.00 ? 5  ILE A CG1  3 
ATOM   485  C CG2  . ILE A 1 5  ? 4.257  -1.015 -1.019 1.00 0.00 ? 5  ILE A CG2  3 
ATOM   486  C CD1  . ILE A 1 5  ? 4.696  1.790  -3.615 1.00 0.00 ? 5  ILE A CD1  3 
ATOM   487  H H    . ILE A 1 5  ? 3.671  2.735  -0.829 1.00 0.00 ? 5  ILE A H    3 
ATOM   488  H HA   . ILE A 1 5  ? 2.285  0.858  -2.469 1.00 0.00 ? 5  ILE A HA   3 
ATOM   489  H HB   . ILE A 1 5  ? 4.861  1.037  -1.031 1.00 0.00 ? 5  ILE A HB   3 
ATOM   490  H HG12 . ILE A 1 5  ? 5.636  -0.076 -3.118 1.00 0.00 ? 5  ILE A HG12 3 
ATOM   491  H HG13 . ILE A 1 5  ? 3.958  -0.224 -3.639 1.00 0.00 ? 5  ILE A HG13 3 
ATOM   492  H HG21 . ILE A 1 5  ? 3.456  -1.608 -1.435 1.00 0.00 ? 5  ILE A HG21 3 
ATOM   493  H HG22 . ILE A 1 5  ? 4.154  -0.970 0.055  1.00 0.00 ? 5  ILE A HG22 3 
ATOM   494  H HG23 . ILE A 1 5  ? 5.205  -1.463 -1.271 1.00 0.00 ? 5  ILE A HG23 3 
ATOM   495  H HD11 . ILE A 1 5  ? 5.143  2.449  -2.884 1.00 0.00 ? 5  ILE A HD11 3 
ATOM   496  H HD12 . ILE A 1 5  ? 3.693  2.124  -3.834 1.00 0.00 ? 5  ILE A HD12 3 
ATOM   497  H HD13 . ILE A 1 5  ? 5.286  1.804  -4.519 1.00 0.00 ? 5  ILE A HD13 3 
ATOM   498  N N    . VAL A 1 6  ? 1.961  0.696  0.767  1.00 0.00 ? 6  VAL A N    3 
ATOM   499  C CA   . VAL A 1 6  ? 1.211  0.061  1.845  1.00 0.00 ? 6  VAL A CA   3 
ATOM   500  C C    . VAL A 1 6  ? -0.281 0.316  1.667  1.00 0.00 ? 6  VAL A C    3 
ATOM   501  O O    . VAL A 1 6  ? -1.114 -0.482 2.097  1.00 0.00 ? 6  VAL A O    3 
ATOM   502  C CB   . VAL A 1 6  ? 1.668  0.614  3.196  1.00 0.00 ? 6  VAL A CB   3 
ATOM   503  C CG1  . VAL A 1 6  ? 1.175  -0.303 4.318  1.00 0.00 ? 6  VAL A CG1  3 
ATOM   504  C CG2  . VAL A 1 6  ? 3.197  0.680  3.230  1.00 0.00 ? 6  VAL A CG2  3 
ATOM   505  H H    . VAL A 1 6  ? 2.483  1.503  0.954  1.00 0.00 ? 6  VAL A H    3 
ATOM   506  H HA   . VAL A 1 6  ? 1.392  -1.002 1.821  1.00 0.00 ? 6  VAL A HA   3 
ATOM   507  H HB   . VAL A 1 6  ? 1.260  1.604  3.337  1.00 0.00 ? 6  VAL A HB   3 
ATOM   508  H HG11 . VAL A 1 6  ? 1.503  -1.314 4.129  1.00 0.00 ? 6  VAL A HG11 3 
ATOM   509  H HG12 . VAL A 1 6  ? 0.095  -0.277 4.356  1.00 0.00 ? 6  VAL A HG12 3 
ATOM   510  H HG13 . VAL A 1 6  ? 1.576  0.035  5.262  1.00 0.00 ? 6  VAL A HG13 3 
ATOM   511  H HG21 . VAL A 1 6  ? 3.604  -0.306 3.063  1.00 0.00 ? 6  VAL A HG21 3 
ATOM   512  H HG22 . VAL A 1 6  ? 3.520  1.044  4.194  1.00 0.00 ? 6  VAL A HG22 3 
ATOM   513  H HG23 . VAL A 1 6  ? 3.545  1.348  2.457  1.00 0.00 ? 6  VAL A HG23 3 
ATOM   514  N N    . LYS A 1 7  ? -0.609 1.436  1.029  1.00 0.00 ? 7  LYS A N    3 
ATOM   515  C CA   . LYS A 1 7  ? -2.003 1.794  0.795  1.00 0.00 ? 7  LYS A CA   3 
ATOM   516  C C    . LYS A 1 7  ? -2.550 1.046  -0.418 1.00 0.00 ? 7  LYS A C    3 
ATOM   517  O O    . LYS A 1 7  ? -3.755 0.846  -0.543 1.00 0.00 ? 7  LYS A O    3 
ATOM   518  C CB   . LYS A 1 7  ? -2.122 3.305  0.567  1.00 0.00 ? 7  LYS A CB   3 
ATOM   519  C CG   . LYS A 1 7  ? -2.087 4.037  1.916  1.00 0.00 ? 7  LYS A CG   3 
ATOM   520  C CD   . LYS A 1 7  ? -3.496 4.085  2.525  1.00 0.00 ? 7  LYS A CD   3 
ATOM   521  C CE   . LYS A 1 7  ? -4.203 5.377  2.102  1.00 0.00 ? 7  LYS A CE   3 
ATOM   522  N NZ   . LYS A 1 7  ? -3.899 5.668  0.672  1.00 0.00 ? 7  LYS A NZ   3 
ATOM   523  H H    . LYS A 1 7  ? 0.099  2.031  0.710  1.00 0.00 ? 7  LYS A H    3 
ATOM   524  H HA   . LYS A 1 7  ? -2.587 1.522  1.662  1.00 0.00 ? 7  LYS A HA   3 
ATOM   525  H HB2  . LYS A 1 7  ? -1.296 3.640  -0.045 1.00 0.00 ? 7  LYS A HB2  3 
ATOM   526  H HB3  . LYS A 1 7  ? -3.052 3.523  0.065  1.00 0.00 ? 7  LYS A HB3  3 
ATOM   527  H HG2  . LYS A 1 7  ? -1.422 3.515  2.591  1.00 0.00 ? 7  LYS A HG2  3 
ATOM   528  H HG3  . LYS A 1 7  ? -1.725 5.045  1.768  1.00 0.00 ? 7  LYS A HG3  3 
ATOM   529  H HD2  . LYS A 1 7  ? -4.069 3.235  2.183  1.00 0.00 ? 7  LYS A HD2  3 
ATOM   530  H HD3  . LYS A 1 7  ? -3.424 4.058  3.602  1.00 0.00 ? 7  LYS A HD3  3 
ATOM   531  H HE2  . LYS A 1 7  ? -5.270 5.262  2.225  1.00 0.00 ? 7  LYS A HE2  3 
ATOM   532  H HE3  . LYS A 1 7  ? -3.857 6.194  2.717  1.00 0.00 ? 7  LYS A HE3  3 
ATOM   533  H HZ1  . LYS A 1 7  ? -4.512 5.092  0.062  1.00 0.00 ? 7  LYS A HZ1  3 
ATOM   534  H HZ2  . LYS A 1 7  ? -2.902 5.442  0.477  1.00 0.00 ? 7  LYS A HZ2  3 
ATOM   535  H HZ3  . LYS A 1 7  ? -4.070 6.675  0.480  1.00 0.00 ? 7  LYS A HZ3  3 
ATOM   536  N N    . SER A 1 8  ? -1.651 0.627  -1.303 1.00 0.00 ? 8  SER A N    3 
ATOM   537  C CA   . SER A 1 8  ? -2.055 -0.114 -2.494 1.00 0.00 ? 8  SER A CA   3 
ATOM   538  C C    . SER A 1 8  ? -2.141 -1.593 -2.160 1.00 0.00 ? 8  SER A C    3 
ATOM   539  O O    . SER A 1 8  ? -2.805 -2.369 -2.846 1.00 0.00 ? 8  SER A O    3 
ATOM   540  C CB   . SER A 1 8  ? -1.046 0.106  -3.621 1.00 0.00 ? 8  SER A CB   3 
ATOM   541  O OG   . SER A 1 8  ? -1.572 -0.418 -4.833 1.00 0.00 ? 8  SER A OG   3 
ATOM   542  H H    . SER A 1 8  ? -0.699 0.800  -1.141 1.00 0.00 ? 8  SER A H    3 
ATOM   543  H HA   . SER A 1 8  ? -3.028 0.230  -2.814 1.00 0.00 ? 8  SER A HA   3 
ATOM   544  H HB2  . SER A 1 8  ? -0.863 1.161  -3.742 1.00 0.00 ? 8  SER A HB2  3 
ATOM   545  H HB3  . SER A 1 8  ? -0.117 -0.391 -3.374 1.00 0.00 ? 8  SER A HB3  3 
ATOM   546  H HG   . SER A 1 8  ? -2.365 -0.918 -4.621 1.00 0.00 ? 8  SER A HG   3 
ATOM   547  N N    . LEU A 1 9  ? -1.454 -1.960 -1.091 1.00 0.00 ? 9  LEU A N    3 
ATOM   548  C CA   . LEU A 1 9  ? -1.423 -3.331 -0.628 1.00 0.00 ? 9  LEU A CA   3 
ATOM   549  C C    . LEU A 1 9  ? -2.728 -3.675 0.083  1.00 0.00 ? 9  LEU A C    3 
ATOM   550  O O    . LEU A 1 9  ? -3.215 -4.803 -0.005 1.00 0.00 ? 9  LEU A O    3 
ATOM   551  C CB   . LEU A 1 9  ? -0.214 -3.488 0.306  1.00 0.00 ? 9  LEU A CB   3 
ATOM   552  C CG   . LEU A 1 9  ? -0.472 -4.535 1.387  1.00 0.00 ? 9  LEU A CG   3 
ATOM   553  C CD1  . LEU A 1 9  ? -0.450 -5.935 0.769  1.00 0.00 ? 9  LEU A CD1  3 
ATOM   554  C CD2  . LEU A 1 9  ? 0.626  -4.422 2.442  1.00 0.00 ? 9  LEU A CD2  3 
ATOM   555  H H    . LEU A 1 9  ? -0.950 -1.283 -0.595 1.00 0.00 ? 9  LEU A H    3 
ATOM   556  H HA   . LEU A 1 9  ? -1.299 -3.988 -1.475 1.00 0.00 ? 9  LEU A HA   3 
ATOM   557  H HB2  . LEU A 1 9  ? 0.647  -3.785 -0.274 1.00 0.00 ? 9  LEU A HB2  3 
ATOM   558  H HB3  . LEU A 1 9  ? -0.010 -2.537 0.777  1.00 0.00 ? 9  LEU A HB3  3 
ATOM   559  H HG   . LEU A 1 9  ? -1.429 -4.355 1.848  1.00 0.00 ? 9  LEU A HG   3 
ATOM   560  H HD11 . LEU A 1 9  ? -0.696 -6.666 1.525  1.00 0.00 ? 9  LEU A HD11 3 
ATOM   561  H HD12 . LEU A 1 9  ? 0.535  -6.139 0.377  1.00 0.00 ? 9  LEU A HD12 3 
ATOM   562  H HD13 . LEU A 1 9  ? -1.175 -5.986 -0.030 1.00 0.00 ? 9  LEU A HD13 3 
ATOM   563  H HD21 . LEU A 1 9  ? 0.443  -5.134 3.230  1.00 0.00 ? 9  LEU A HD21 3 
ATOM   564  H HD22 . LEU A 1 9  ? 0.626  -3.421 2.851  1.00 0.00 ? 9  LEU A HD22 3 
ATOM   565  H HD23 . LEU A 1 9  ? 1.583  -4.624 1.985  1.00 0.00 ? 9  LEU A HD23 3 
ATOM   566  N N    . VAL A 1 10 ? -3.295 -2.696 0.780  1.00 0.00 ? 10 VAL A N    3 
ATOM   567  C CA   . VAL A 1 10 ? -4.547 -2.913 1.491  1.00 0.00 ? 10 VAL A CA   3 
ATOM   568  C C    . VAL A 1 10 ? -5.634 -3.334 0.510  1.00 0.00 ? 10 VAL A C    3 
ATOM   569  O O    . VAL A 1 10 ? -6.504 -4.140 0.840  1.00 0.00 ? 10 VAL A O    3 
ATOM   570  C CB   . VAL A 1 10 ? -4.969 -1.635 2.228  1.00 0.00 ? 10 VAL A CB   3 
ATOM   571  C CG1  . VAL A 1 10 ? -5.667 -0.677 1.257  1.00 0.00 ? 10 VAL A CG1  3 
ATOM   572  C CG2  . VAL A 1 10 ? -5.931 -1.997 3.363  1.00 0.00 ? 10 VAL A CG2  3 
ATOM   573  H H    . VAL A 1 10 ? -2.867 -1.815 0.813  1.00 0.00 ? 10 VAL A H    3 
ATOM   574  H HA   . VAL A 1 10 ? -4.404 -3.702 2.212  1.00 0.00 ? 10 VAL A HA   3 
ATOM   575  H HB   . VAL A 1 10 ? -4.093 -1.154 2.639  1.00 0.00 ? 10 VAL A HB   3 
ATOM   576  H HG11 . VAL A 1 10 ? -5.161 -0.698 0.304  1.00 0.00 ? 10 VAL A HG11 3 
ATOM   577  H HG12 . VAL A 1 10 ? -5.637 0.325  1.657  1.00 0.00 ? 10 VAL A HG12 3 
ATOM   578  H HG13 . VAL A 1 10 ? -6.694 -0.982 1.125  1.00 0.00 ? 10 VAL A HG13 3 
ATOM   579  H HG21 . VAL A 1 10 ? -6.807 -2.476 2.953  1.00 0.00 ? 10 VAL A HG21 3 
ATOM   580  H HG22 . VAL A 1 10 ? -6.224 -1.099 3.887  1.00 0.00 ? 10 VAL A HG22 3 
ATOM   581  H HG23 . VAL A 1 10 ? -5.440 -2.671 4.049  1.00 0.00 ? 10 VAL A HG23 3 
ATOM   582  N N    . SER A 1 11 ? -5.571 -2.789 -0.700 1.00 0.00 ? 11 SER A N    3 
ATOM   583  C CA   . SER A 1 11 ? -6.550 -3.122 -1.724 1.00 0.00 ? 11 SER A CA   3 
ATOM   584  C C    . SER A 1 11 ? -6.403 -4.585 -2.132 1.00 0.00 ? 11 SER A C    3 
ATOM   585  O O    . SER A 1 11 ? -7.297 -5.161 -2.749 1.00 0.00 ? 11 SER A O    3 
ATOM   586  C CB   . SER A 1 11 ? -6.358 -2.224 -2.947 1.00 0.00 ? 11 SER A CB   3 
ATOM   587  O OG   . SER A 1 11 ? -6.497 -0.864 -2.557 1.00 0.00 ? 11 SER A OG   3 
ATOM   588  H H    . SER A 1 11 ? -4.848 -2.154 -0.908 1.00 0.00 ? 11 SER A H    3 
ATOM   589  H HA   . SER A 1 11 ? -7.541 -2.965 -1.325 1.00 0.00 ? 11 SER A HA   3 
ATOM   590  H HB2  . SER A 1 11 ? -5.373 -2.378 -3.357 1.00 0.00 ? 11 SER A HB2  3 
ATOM   591  H HB3  . SER A 1 11 ? -7.100 -2.473 -3.694 1.00 0.00 ? 11 SER A HB3  3 
ATOM   592  H HG   . SER A 1 11 ? -7.295 -0.787 -2.029 1.00 0.00 ? 11 SER A HG   3 
ATOM   593  N N    . ASP A 1 12 ? -5.265 -5.176 -1.778 1.00 0.00 ? 12 ASP A N    3 
ATOM   594  C CA   . ASP A 1 12 ? -5.001 -6.574 -2.107 1.00 0.00 ? 12 ASP A CA   3 
ATOM   595  C C    . ASP A 1 12 ? -5.500 -7.491 -0.994 1.00 0.00 ? 12 ASP A C    3 
ATOM   596  O O    . ASP A 1 12 ? -6.523 -8.160 -1.142 1.00 0.00 ? 12 ASP A O    3 
ATOM   597  C CB   . ASP A 1 12 ? -3.500 -6.788 -2.310 1.00 0.00 ? 12 ASP A CB   3 
ATOM   598  C CG   . ASP A 1 12 ? -2.945 -5.727 -3.255 1.00 0.00 ? 12 ASP A CG   3 
ATOM   599  O OD1  . ASP A 1 12 ? -3.731 -5.138 -3.979 1.00 0.00 ? 12 ASP A OD1  3 
ATOM   600  O OD2  . ASP A 1 12 ? -1.743 -5.522 -3.243 1.00 0.00 ? 12 ASP A OD2  3 
ATOM   601  H H    . ASP A 1 12 ? -4.589 -4.663 -1.286 1.00 0.00 ? 12 ASP A H    3 
ATOM   602  H HA   . ASP A 1 12 ? -5.514 -6.823 -3.024 1.00 0.00 ? 12 ASP A HA   3 
ATOM   603  H HB2  . ASP A 1 12 ? -2.996 -6.717 -1.357 1.00 0.00 ? 12 ASP A HB2  3 
ATOM   604  H HB3  . ASP A 1 12 ? -3.331 -7.767 -2.733 1.00 0.00 ? 12 ASP A HB3  3 
ATOM   605  N N    . PHE A 1 13 ? -4.770 -7.520 0.118  1.00 0.00 ? 13 PHE A N    3 
ATOM   606  C CA   . PHE A 1 13 ? -5.148 -8.364 1.248  1.00 0.00 ? 13 PHE A CA   3 
ATOM   607  C C    . PHE A 1 13 ? -5.981 -7.575 2.256  1.00 0.00 ? 13 PHE A C    3 
ATOM   608  O O    . PHE A 1 13 ? -6.609 -8.156 3.141  1.00 0.00 ? 13 PHE A O    3 
ATOM   609  C CB   . PHE A 1 13 ? -3.887 -8.928 1.925  1.00 0.00 ? 13 PHE A CB   3 
ATOM   610  C CG   . PHE A 1 13 ? -3.411 -7.995 3.018  1.00 0.00 ? 13 PHE A CG   3 
ATOM   611  C CD1  . PHE A 1 13 ? -3.346 -6.615 2.790  1.00 0.00 ? 13 PHE A CD1  3 
ATOM   612  C CD2  . PHE A 1 13 ? -3.033 -8.515 4.263  1.00 0.00 ? 13 PHE A CD2  3 
ATOM   613  C CE1  . PHE A 1 13 ? -2.907 -5.757 3.806  1.00 0.00 ? 13 PHE A CE1  3 
ATOM   614  C CE2  . PHE A 1 13 ? -2.593 -7.657 5.277  1.00 0.00 ? 13 PHE A CE2  3 
ATOM   615  C CZ   . PHE A 1 13 ? -2.530 -6.278 5.049  1.00 0.00 ? 13 PHE A CZ   3 
ATOM   616  H H    . PHE A 1 13 ? -3.963 -6.968 0.179  1.00 0.00 ? 13 PHE A H    3 
ATOM   617  H HA   . PHE A 1 13 ? -5.741 -9.191 0.883  1.00 0.00 ? 13 PHE A HA   3 
ATOM   618  H HB2  . PHE A 1 13 ? -4.113 -9.894 2.353  1.00 0.00 ? 13 PHE A HB2  3 
ATOM   619  H HB3  . PHE A 1 13 ? -3.107 -9.040 1.187  1.00 0.00 ? 13 PHE A HB3  3 
ATOM   620  H HD1  . PHE A 1 13 ? -3.637 -6.211 1.831  1.00 0.00 ? 13 PHE A HD1  3 
ATOM   621  H HD2  . PHE A 1 13 ? -3.081 -9.579 4.440  1.00 0.00 ? 13 PHE A HD2  3 
ATOM   622  H HE1  . PHE A 1 13 ? -2.858 -4.693 3.631  1.00 0.00 ? 13 PHE A HE1  3 
ATOM   623  H HE2  . PHE A 1 13 ? -2.302 -8.059 6.236  1.00 0.00 ? 13 PHE A HE2  3 
ATOM   624  H HZ   . PHE A 1 13 ? -2.190 -5.616 5.831  1.00 0.00 ? 13 PHE A HZ   3 
HETATM 625  N N    . NH2 A 1 14 ? -6.024 -6.273 2.172  1.00 0.00 ? 14 NH2 A N    3 
HETATM 626  H HN1  . NH2 A 1 14 ? -5.525 -5.811 1.467  1.00 0.00 ? 14 NH2 A HN1  3 
HETATM 627  H HN2  . NH2 A 1 14 ? -6.556 -5.758 2.814  1.00 0.00 ? 14 NH2 A HN2  3 
ATOM   628  N N    . GLY A 1 1  ? 9.579  0.417  4.959  1.00 0.00 ? 1  GLY A N    4 
ATOM   629  C CA   . GLY A 1 1  ? 8.487  0.684  5.936  1.00 0.00 ? 1  GLY A CA   4 
ATOM   630  C C    . GLY A 1 1  ? 7.232  -0.076 5.520  1.00 0.00 ? 1  GLY A C    4 
ATOM   631  O O    . GLY A 1 1  ? 6.734  0.091  4.407  1.00 0.00 ? 1  GLY A O    4 
ATOM   632  H H1   . GLY A 1 1  ? 9.948  1.318  4.595  1.00 0.00 ? 1  GLY A H1   4 
ATOM   633  H H2   . GLY A 1 1  ? 9.207  -0.152 4.170  1.00 0.00 ? 1  GLY A H2   4 
ATOM   634  H H3   . GLY A 1 1  ? 10.347 -0.104 5.430  1.00 0.00 ? 1  GLY A H3   4 
ATOM   635  H HA2  . GLY A 1 1  ? 8.796  0.360  6.919  1.00 0.00 ? 1  GLY A HA2  4 
ATOM   636  H HA3  . GLY A 1 1  ? 8.272  1.742  5.956  1.00 0.00 ? 1  GLY A HA3  4 
ATOM   637  N N    . LEU A 1 2  ? 6.725  -0.911 6.421  1.00 0.00 ? 2  LEU A N    4 
ATOM   638  C CA   . LEU A 1 2  ? 5.527  -1.692 6.136  1.00 0.00 ? 2  LEU A CA   4 
ATOM   639  C C    . LEU A 1 2  ? 4.451  -0.801 5.518  1.00 0.00 ? 2  LEU A C    4 
ATOM   640  O O    . LEU A 1 2  ? 3.817  -1.166 4.528  1.00 0.00 ? 2  LEU A O    4 
ATOM   641  C CB   . LEU A 1 2  ? 5.001  -2.326 7.433  1.00 0.00 ? 2  LEU A CB   4 
ATOM   642  C CG   . LEU A 1 2  ? 4.295  -3.659 7.136  1.00 0.00 ? 2  LEU A CG   4 
ATOM   643  C CD1  . LEU A 1 2  ? 3.217  -3.449 6.068  1.00 0.00 ? 2  LEU A CD1  4 
ATOM   644  C CD2  . LEU A 1 2  ? 5.315  -4.698 6.641  1.00 0.00 ? 2  LEU A CD2  4 
ATOM   645  H H    . LEU A 1 2  ? 7.164  -1.003 7.292  1.00 0.00 ? 2  LEU A H    4 
ATOM   646  H HA   . LEU A 1 2  ? 5.778  -2.470 5.437  1.00 0.00 ? 2  LEU A HA   4 
ATOM   647  H HB2  . LEU A 1 2  ? 5.829  -2.501 8.103  1.00 0.00 ? 2  LEU A HB2  4 
ATOM   648  H HB3  . LEU A 1 2  ? 4.301  -1.651 7.904  1.00 0.00 ? 2  LEU A HB3  4 
ATOM   649  H HG   . LEU A 1 2  ? 3.829  -4.019 8.041  1.00 0.00 ? 2  LEU A HG   4 
ATOM   650  H HD11 . LEU A 1 2  ? 2.690  -2.527 6.262  1.00 0.00 ? 2  LEU A HD11 4 
ATOM   651  H HD12 . LEU A 1 2  ? 2.519  -4.274 6.097  1.00 0.00 ? 2  LEU A HD12 4 
ATOM   652  H HD13 . LEU A 1 2  ? 3.678  -3.405 5.093  1.00 0.00 ? 2  LEU A HD13 4 
ATOM   653  H HD21 . LEU A 1 2  ? 6.298  -4.455 7.021  1.00 0.00 ? 2  LEU A HD21 4 
ATOM   654  H HD22 . LEU A 1 2  ? 5.339  -4.702 5.562  1.00 0.00 ? 2  LEU A HD22 4 
ATOM   655  H HD23 . LEU A 1 2  ? 5.028  -5.677 6.996  1.00 0.00 ? 2  LEU A HD23 4 
ATOM   656  N N    . PHE A 1 3  ? 4.256  0.369  6.112  1.00 0.00 ? 3  PHE A N    4 
ATOM   657  C CA   . PHE A 1 3  ? 3.257  1.311  5.619  1.00 0.00 ? 3  PHE A CA   4 
ATOM   658  C C    . PHE A 1 3  ? 3.435  1.551  4.122  1.00 0.00 ? 3  PHE A C    4 
ATOM   659  O O    . PHE A 1 3  ? 2.490  1.932  3.430  1.00 0.00 ? 3  PHE A O    4 
ATOM   660  C CB   . PHE A 1 3  ? 3.380  2.639  6.371  1.00 0.00 ? 3  PHE A CB   4 
ATOM   661  C CG   . PHE A 1 3  ? 2.122  3.453  6.173  1.00 0.00 ? 3  PHE A CG   4 
ATOM   662  C CD1  . PHE A 1 3  ? 1.961  4.223  5.015  1.00 0.00 ? 3  PHE A CD1  4 
ATOM   663  C CD2  . PHE A 1 3  ? 1.119  3.438  7.148  1.00 0.00 ? 3  PHE A CD2  4 
ATOM   664  C CE1  . PHE A 1 3  ? 0.797  4.978  4.832  1.00 0.00 ? 3  PHE A CE1  4 
ATOM   665  C CE2  . PHE A 1 3  ? -0.046 4.193  6.966  1.00 0.00 ? 3  PHE A CE2  4 
ATOM   666  C CZ   . PHE A 1 3  ? -0.206 4.963  5.808  1.00 0.00 ? 3  PHE A CZ   4 
ATOM   667  H H    . PHE A 1 3  ? 4.794  0.603  6.895  1.00 0.00 ? 3  PHE A H    4 
ATOM   668  H HA   . PHE A 1 3  ? 2.274  0.901  5.794  1.00 0.00 ? 3  PHE A HA   4 
ATOM   669  H HB2  . PHE A 1 3  ? 3.520  2.443  7.423  1.00 0.00 ? 3  PHE A HB2  4 
ATOM   670  H HB3  . PHE A 1 3  ? 4.227  3.190  5.991  1.00 0.00 ? 3  PHE A HB3  4 
ATOM   671  H HD1  . PHE A 1 3  ? 2.737  4.235  4.262  1.00 0.00 ? 3  PHE A HD1  4 
ATOM   672  H HD2  . PHE A 1 3  ? 1.243  2.843  8.041  1.00 0.00 ? 3  PHE A HD2  4 
ATOM   673  H HE1  . PHE A 1 3  ? 0.672  5.573  3.939  1.00 0.00 ? 3  PHE A HE1  4 
ATOM   674  H HE2  . PHE A 1 3  ? -0.820 4.181  7.718  1.00 0.00 ? 3  PHE A HE2  4 
ATOM   675  H HZ   . PHE A 1 3  ? -1.105 5.546  5.668  1.00 0.00 ? 3  PHE A HZ   4 
ATOM   676  N N    . ASP A 1 4  ? 4.649  1.327  3.629  1.00 0.00 ? 4  ASP A N    4 
ATOM   677  C CA   . ASP A 1 4  ? 4.935  1.525  2.212  1.00 0.00 ? 4  ASP A CA   4 
ATOM   678  C C    . ASP A 1 4  ? 4.141  0.540  1.361  1.00 0.00 ? 4  ASP A C    4 
ATOM   679  O O    . ASP A 1 4  ? 3.710  0.868  0.256  1.00 0.00 ? 4  ASP A O    4 
ATOM   680  C CB   . ASP A 1 4  ? 6.430  1.343  1.947  1.00 0.00 ? 4  ASP A CB   4 
ATOM   681  C CG   . ASP A 1 4  ? 7.240  2.190  2.923  1.00 0.00 ? 4  ASP A CG   4 
ATOM   682  O OD1  . ASP A 1 4  ? 6.760  3.247  3.299  1.00 0.00 ? 4  ASP A OD1  4 
ATOM   683  O OD2  . ASP A 1 4  ? 8.328  1.769  3.280  1.00 0.00 ? 4  ASP A OD2  4 
ATOM   684  H H    . ASP A 1 4  ? 5.364  1.026  4.227  1.00 0.00 ? 4  ASP A H    4 
ATOM   685  H HA   . ASP A 1 4  ? 4.653  2.530  1.936  1.00 0.00 ? 4  ASP A HA   4 
ATOM   686  H HB2  . ASP A 1 4  ? 6.691  0.303  2.072  1.00 0.00 ? 4  ASP A HB2  4 
ATOM   687  H HB3  . ASP A 1 4  ? 6.654  1.651  0.937  1.00 0.00 ? 4  ASP A HB3  4 
ATOM   688  N N    . ILE A 1 5  ? 3.949  -0.665 1.884  1.00 0.00 ? 5  ILE A N    4 
ATOM   689  C CA   . ILE A 1 5  ? 3.205  -1.688 1.172  1.00 0.00 ? 5  ILE A CA   4 
ATOM   690  C C    . ILE A 1 5  ? 1.709  -1.384 1.243  1.00 0.00 ? 5  ILE A C    4 
ATOM   691  O O    . ILE A 1 5  ? 0.943  -1.772 0.361  1.00 0.00 ? 5  ILE A O    4 
ATOM   692  C CB   . ILE A 1 5  ? 3.518  -3.058 1.794  1.00 0.00 ? 5  ILE A CB   4 
ATOM   693  C CG1  . ILE A 1 5  ? 4.625  -3.751 0.992  1.00 0.00 ? 5  ILE A CG1  4 
ATOM   694  C CG2  . ILE A 1 5  ? 2.272  -3.941 1.798  1.00 0.00 ? 5  ILE A CG2  4 
ATOM   695  C CD1  . ILE A 1 5  ? 5.904  -2.912 1.054  1.00 0.00 ? 5  ILE A CD1  4 
ATOM   696  H H    . ILE A 1 5  ? 4.311  -0.872 2.769  1.00 0.00 ? 5  ILE A H    4 
ATOM   697  H HA   . ILE A 1 5  ? 3.513  -1.688 0.136  1.00 0.00 ? 5  ILE A HA   4 
ATOM   698  H HB   . ILE A 1 5  ? 3.854  -2.915 2.811  1.00 0.00 ? 5  ILE A HB   4 
ATOM   699  H HG12 . ILE A 1 5  ? 4.814  -4.729 1.410  1.00 0.00 ? 5  ILE A HG12 4 
ATOM   700  H HG13 . ILE A 1 5  ? 4.314  -3.853 -0.037 1.00 0.00 ? 5  ILE A HG13 4 
ATOM   701  H HG21 . ILE A 1 5  ? 2.554  -4.956 2.032  1.00 0.00 ? 5  ILE A HG21 4 
ATOM   702  H HG22 . ILE A 1 5  ? 1.806  -3.910 0.826  1.00 0.00 ? 5  ILE A HG22 4 
ATOM   703  H HG23 . ILE A 1 5  ? 1.579  -3.579 2.545  1.00 0.00 ? 5  ILE A HG23 4 
ATOM   704  H HD11 . ILE A 1 5  ? 6.746  -3.518 0.753  1.00 0.00 ? 5  ILE A HD11 4 
ATOM   705  H HD12 . ILE A 1 5  ? 6.056  -2.561 2.064  1.00 0.00 ? 5  ILE A HD12 4 
ATOM   706  H HD13 . ILE A 1 5  ? 5.813  -2.066 0.389  1.00 0.00 ? 5  ILE A HD13 4 
ATOM   707  N N    . VAL A 1 6  ? 1.304  -0.687 2.300  1.00 0.00 ? 6  VAL A N    4 
ATOM   708  C CA   . VAL A 1 6  ? -0.098 -0.333 2.477  1.00 0.00 ? 6  VAL A CA   4 
ATOM   709  C C    . VAL A 1 6  ? -0.507 0.739  1.472  1.00 0.00 ? 6  VAL A C    4 
ATOM   710  O O    . VAL A 1 6  ? -1.675 0.842  1.098  1.00 0.00 ? 6  VAL A O    4 
ATOM   711  C CB   . VAL A 1 6  ? -0.333 0.181  3.897  1.00 0.00 ? 6  VAL A CB   4 
ATOM   712  C CG1  . VAL A 1 6  ? -1.832 0.377  4.129  1.00 0.00 ? 6  VAL A CG1  4 
ATOM   713  C CG2  . VAL A 1 6  ? 0.208  -0.837 4.903  1.00 0.00 ? 6  VAL A CG2  4 
ATOM   714  H H    . VAL A 1 6  ? 1.961  -0.403 2.969  1.00 0.00 ? 6  VAL A H    4 
ATOM   715  H HA   . VAL A 1 6  ? -0.706 -1.212 2.319  1.00 0.00 ? 6  VAL A HA   4 
ATOM   716  H HB   . VAL A 1 6  ? 0.177  1.124  4.027  1.00 0.00 ? 6  VAL A HB   4 
ATOM   717  H HG11 . VAL A 1 6  ? -1.998 0.733  5.135  1.00 0.00 ? 6  VAL A HG11 4 
ATOM   718  H HG12 . VAL A 1 6  ? -2.344 -0.564 3.991  1.00 0.00 ? 6  VAL A HG12 4 
ATOM   719  H HG13 . VAL A 1 6  ? -2.214 1.101  3.423  1.00 0.00 ? 6  VAL A HG13 4 
ATOM   720  H HG21 . VAL A 1 6  ? 0.051  -0.470 5.907  1.00 0.00 ? 6  VAL A HG21 4 
ATOM   721  H HG22 . VAL A 1 6  ? 1.264  -0.985 4.734  1.00 0.00 ? 6  VAL A HG22 4 
ATOM   722  H HG23 . VAL A 1 6  ? -0.311 -1.776 4.779  1.00 0.00 ? 6  VAL A HG23 4 
ATOM   723  N N    . LYS A 1 7  ? 0.466  1.535  1.038  1.00 0.00 ? 7  LYS A N    4 
ATOM   724  C CA   . LYS A 1 7  ? 0.201  2.599  0.076  1.00 0.00 ? 7  LYS A CA   4 
ATOM   725  C C    . LYS A 1 7  ? 0.133  2.036  -1.340 1.00 0.00 ? 7  LYS A C    4 
ATOM   726  O O    . LYS A 1 7  ? -0.476 2.632  -2.225 1.00 0.00 ? 7  LYS A O    4 
ATOM   727  C CB   . LYS A 1 7  ? 1.299  3.660  0.156  1.00 0.00 ? 7  LYS A CB   4 
ATOM   728  C CG   . LYS A 1 7  ? 1.071  4.717  -0.928 1.00 0.00 ? 7  LYS A CG   4 
ATOM   729  C CD   . LYS A 1 7  ? 1.959  5.933  -0.653 1.00 0.00 ? 7  LYS A CD   4 
ATOM   730  C CE   . LYS A 1 7  ? 3.432  5.529  -0.754 1.00 0.00 ? 7  LYS A CE   4 
ATOM   731  N NZ   . LYS A 1 7  ? 4.269  6.749  -0.933 1.00 0.00 ? 7  LYS A NZ   4 
ATOM   732  H H    . LYS A 1 7  ? 1.378  1.406  1.373  1.00 0.00 ? 7  LYS A H    4 
ATOM   733  H HA   . LYS A 1 7  ? -0.747 3.059  0.314  1.00 0.00 ? 7  LYS A HA   4 
ATOM   734  H HB2  . LYS A 1 7  ? 1.275  4.130  1.128  1.00 0.00 ? 7  LYS A HB2  4 
ATOM   735  H HB3  . LYS A 1 7  ? 2.261  3.194  0.003  1.00 0.00 ? 7  LYS A HB3  4 
ATOM   736  H HG2  . LYS A 1 7  ? 1.319  4.300  -1.894 1.00 0.00 ? 7  LYS A HG2  4 
ATOM   737  H HG3  . LYS A 1 7  ? 0.035  5.020  -0.921 1.00 0.00 ? 7  LYS A HG3  4 
ATOM   738  H HD2  . LYS A 1 7  ? 1.745  6.705  -1.378 1.00 0.00 ? 7  LYS A HD2  4 
ATOM   739  H HD3  . LYS A 1 7  ? 1.759  6.307  0.340  1.00 0.00 ? 7  LYS A HD3  4 
ATOM   740  H HE2  . LYS A 1 7  ? 3.728  5.018  0.149  1.00 0.00 ? 7  LYS A HE2  4 
ATOM   741  H HE3  . LYS A 1 7  ? 3.568  4.872  -1.601 1.00 0.00 ? 7  LYS A HE3  4 
ATOM   742  H HZ1  . LYS A 1 7  ? 4.010  7.221  -1.821 1.00 0.00 ? 7  LYS A HZ1  4 
ATOM   743  H HZ2  . LYS A 1 7  ? 5.274  6.478  -0.963 1.00 0.00 ? 7  LYS A HZ2  4 
ATOM   744  H HZ3  . LYS A 1 7  ? 4.109  7.399  -0.137 1.00 0.00 ? 7  LYS A HZ3  4 
ATOM   745  N N    . SER A 1 8  ? 0.755  0.878  -1.543 1.00 0.00 ? 8  SER A N    4 
ATOM   746  C CA   . SER A 1 8  ? 0.743  0.237  -2.855 1.00 0.00 ? 8  SER A CA   4 
ATOM   747  C C    . SER A 1 8  ? -0.499 -0.627 -2.982 1.00 0.00 ? 8  SER A C    4 
ATOM   748  O O    . SER A 1 8  ? -0.947 -0.952 -4.082 1.00 0.00 ? 8  SER A O    4 
ATOM   749  C CB   . SER A 1 8  ? 1.995  -0.622 -3.034 1.00 0.00 ? 8  SER A CB   4 
ATOM   750  O OG   . SER A 1 8  ? 3.109  0.221  -3.296 1.00 0.00 ? 8  SER A OG   4 
ATOM   751  H H    . SER A 1 8  ? 1.210  0.437  -0.794 1.00 0.00 ? 8  SER A H    4 
ATOM   752  H HA   . SER A 1 8  ? 0.720  0.997  -3.622 1.00 0.00 ? 8  SER A HA   4 
ATOM   753  H HB2  . SER A 1 8  ? 2.180  -1.186 -2.135 1.00 0.00 ? 8  SER A HB2  4 
ATOM   754  H HB3  . SER A 1 8  ? 1.847  -1.307 -3.860 1.00 0.00 ? 8  SER A HB3  4 
ATOM   755  H HG   . SER A 1 8  ? 2.964  0.650  -4.143 1.00 0.00 ? 8  SER A HG   4 
ATOM   756  N N    . LEU A 1 9  ? -1.043 -0.988 -1.832 1.00 0.00 ? 9  LEU A N    4 
ATOM   757  C CA   . LEU A 1 9  ? -2.231 -1.813 -1.767 1.00 0.00 ? 9  LEU A CA   4 
ATOM   758  C C    . LEU A 1 9  ? -3.467 -0.986 -2.110 1.00 0.00 ? 9  LEU A C    4 
ATOM   759  O O    . LEU A 1 9  ? -4.404 -1.482 -2.734 1.00 0.00 ? 9  LEU A O    4 
ATOM   760  C CB   . LEU A 1 9  ? -2.321 -2.403 -0.353 1.00 0.00 ? 9  LEU A CB   4 
ATOM   761  C CG   . LEU A 1 9  ? -3.771 -2.612 0.077  1.00 0.00 ? 9  LEU A CG   4 
ATOM   762  C CD1  . LEU A 1 9  ? -4.382 -3.780 -0.702 1.00 0.00 ? 9  LEU A CD1  4 
ATOM   763  C CD2  . LEU A 1 9  ? -3.790 -2.924 1.570  1.00 0.00 ? 9  LEU A CD2  4 
ATOM   764  H H    . LEU A 1 9  ? -0.630 -0.689 -0.996 1.00 0.00 ? 9  LEU A H    4 
ATOM   765  H HA   . LEU A 1 9  ? -2.141 -2.618 -2.479 1.00 0.00 ? 9  LEU A HA   4 
ATOM   766  H HB2  . LEU A 1 9  ? -1.807 -3.353 -0.332 1.00 0.00 ? 9  LEU A HB2  4 
ATOM   767  H HB3  . LEU A 1 9  ? -1.842 -1.727 0.340  1.00 0.00 ? 9  LEU A HB3  4 
ATOM   768  H HG   . LEU A 1 9  ? -4.340 -1.715 -0.107 1.00 0.00 ? 9  LEU A HG   4 
ATOM   769  H HD11 . LEU A 1 9  ? -3.942 -4.707 -0.364 1.00 0.00 ? 9  LEU A HD11 4 
ATOM   770  H HD12 . LEU A 1 9  ? -4.184 -3.652 -1.756 1.00 0.00 ? 9  LEU A HD12 4 
ATOM   771  H HD13 . LEU A 1 9  ? -5.449 -3.805 -0.536 1.00 0.00 ? 9  LEU A HD13 4 
ATOM   772  H HD21 . LEU A 1 9  ? -3.480 -2.048 2.122  1.00 0.00 ? 9  LEU A HD21 4 
ATOM   773  H HD22 . LEU A 1 9  ? -3.108 -3.736 1.775  1.00 0.00 ? 9  LEU A HD22 4 
ATOM   774  H HD23 . LEU A 1 9  ? -4.787 -3.203 1.869  1.00 0.00 ? 9  LEU A HD23 4 
ATOM   775  N N    . VAL A 1 10 ? -3.460 0.279  -1.704 1.00 0.00 ? 10 VAL A N    4 
ATOM   776  C CA   . VAL A 1 10 ? -4.586 1.160  -1.982 1.00 0.00 ? 10 VAL A CA   4 
ATOM   777  C C    . VAL A 1 10 ? -4.809 1.268  -3.486 1.00 0.00 ? 10 VAL A C    4 
ATOM   778  O O    . VAL A 1 10 ? -5.942 1.390  -3.950 1.00 0.00 ? 10 VAL A O    4 
ATOM   779  C CB   . VAL A 1 10 ? -4.327 2.552  -1.391 1.00 0.00 ? 10 VAL A CB   4 
ATOM   780  C CG1  . VAL A 1 10 ? -3.419 3.357  -2.327 1.00 0.00 ? 10 VAL A CG1  4 
ATOM   781  C CG2  . VAL A 1 10 ? -5.658 3.289  -1.218 1.00 0.00 ? 10 VAL A CG2  4 
ATOM   782  H H    . VAL A 1 10 ? -2.685 0.625  -1.214 1.00 0.00 ? 10 VAL A H    4 
ATOM   783  H HA   . VAL A 1 10 ? -5.473 0.747  -1.527 1.00 0.00 ? 10 VAL A HA   4 
ATOM   784  H HB   . VAL A 1 10 ? -3.846 2.448  -0.429 1.00 0.00 ? 10 VAL A HB   4 
ATOM   785  H HG11 . VAL A 1 10 ? -4.007 3.773  -3.132 1.00 0.00 ? 10 VAL A HG11 4 
ATOM   786  H HG12 . VAL A 1 10 ? -2.659 2.708  -2.736 1.00 0.00 ? 10 VAL A HG12 4 
ATOM   787  H HG13 . VAL A 1 10 ? -2.949 4.157  -1.774 1.00 0.00 ? 10 VAL A HG13 4 
ATOM   788  H HG21 . VAL A 1 10 ? -6.300 2.722  -0.560 1.00 0.00 ? 10 VAL A HG21 4 
ATOM   789  H HG22 . VAL A 1 10 ? -6.136 3.398  -2.181 1.00 0.00 ? 10 VAL A HG22 4 
ATOM   790  H HG23 . VAL A 1 10 ? -5.478 4.265  -0.794 1.00 0.00 ? 10 VAL A HG23 4 
ATOM   791  N N    . SER A 1 11 ? -3.717 1.218  -4.243 1.00 0.00 ? 11 SER A N    4 
ATOM   792  C CA   . SER A 1 11 ? -3.804 1.308  -5.694 1.00 0.00 ? 11 SER A CA   4 
ATOM   793  C C    . SER A 1 11 ? -4.445 0.049  -6.269 1.00 0.00 ? 11 SER A C    4 
ATOM   794  O O    . SER A 1 11 ? -4.875 0.030  -7.422 1.00 0.00 ? 11 SER A O    4 
ATOM   795  C CB   . SER A 1 11 ? -2.409 1.493  -6.292 1.00 0.00 ? 11 SER A CB   4 
ATOM   796  O OG   . SER A 1 11 ? -2.458 1.228  -7.688 1.00 0.00 ? 11 SER A OG   4 
ATOM   797  H H    . SER A 1 11 ? -2.835 1.118  -3.816 1.00 0.00 ? 11 SER A H    4 
ATOM   798  H HA   . SER A 1 11 ? -4.412 2.161  -5.956 1.00 0.00 ? 11 SER A HA   4 
ATOM   799  H HB2  . SER A 1 11 ? -2.081 2.507  -6.137 1.00 0.00 ? 11 SER A HB2  4 
ATOM   800  H HB3  . SER A 1 11 ? -1.718 0.815  -5.810 1.00 0.00 ? 11 SER A HB3  4 
ATOM   801  H HG   . SER A 1 11 ? -1.557 1.146  -8.006 1.00 0.00 ? 11 SER A HG   4 
ATOM   802  N N    . ASP A 1 12 ? -4.503 -1.005 -5.457 1.00 0.00 ? 12 ASP A N    4 
ATOM   803  C CA   . ASP A 1 12 ? -5.092 -2.267 -5.894 1.00 0.00 ? 12 ASP A CA   4 
ATOM   804  C C    . ASP A 1 12 ? -6.583 -2.311 -5.571 1.00 0.00 ? 12 ASP A C    4 
ATOM   805  O O    . ASP A 1 12 ? -7.419 -2.005 -6.419 1.00 0.00 ? 12 ASP A O    4 
ATOM   806  C CB   . ASP A 1 12 ? -4.385 -3.439 -5.210 1.00 0.00 ? 12 ASP A CB   4 
ATOM   807  C CG   . ASP A 1 12 ? -2.901 -3.431 -5.561 1.00 0.00 ? 12 ASP A CG   4 
ATOM   808  O OD1  . ASP A 1 12 ? -2.587 -3.198 -6.716 1.00 0.00 ? 12 ASP A OD1  4 
ATOM   809  O OD2  . ASP A 1 12 ? -2.101 -3.659 -4.668 1.00 0.00 ? 12 ASP A OD2  4 
ATOM   810  H H    . ASP A 1 12 ? -4.142 -0.931 -4.548 1.00 0.00 ? 12 ASP A H    4 
ATOM   811  H HA   . ASP A 1 12 ? -4.964 -2.363 -6.963 1.00 0.00 ? 12 ASP A HA   4 
ATOM   812  H HB2  . ASP A 1 12 ? -4.502 -3.352 -4.139 1.00 0.00 ? 12 ASP A HB2  4 
ATOM   813  H HB3  . ASP A 1 12 ? -4.826 -4.367 -5.543 1.00 0.00 ? 12 ASP A HB3  4 
ATOM   814  N N    . PHE A 1 13 ? -6.909 -2.699 -4.340 1.00 0.00 ? 13 PHE A N    4 
ATOM   815  C CA   . PHE A 1 13 ? -8.305 -2.785 -3.923 1.00 0.00 ? 13 PHE A CA   4 
ATOM   816  C C    . PHE A 1 13 ? -8.837 -1.407 -3.533 1.00 0.00 ? 13 PHE A C    4 
ATOM   817  O O    . PHE A 1 13 ? -9.833 -1.302 -2.818 1.00 0.00 ? 13 PHE A O    4 
ATOM   818  C CB   . PHE A 1 13 ? -8.441 -3.764 -2.746 1.00 0.00 ? 13 PHE A CB   4 
ATOM   819  C CG   . PHE A 1 13 ? -8.289 -3.036 -1.427 1.00 0.00 ? 13 PHE A CG   4 
ATOM   820  C CD1  . PHE A 1 13 ? -7.286 -2.072 -1.264 1.00 0.00 ? 13 PHE A CD1  4 
ATOM   821  C CD2  . PHE A 1 13 ? -9.156 -3.328 -0.366 1.00 0.00 ? 13 PHE A CD2  4 
ATOM   822  C CE1  . PHE A 1 13 ? -7.151 -1.401 -0.042 1.00 0.00 ? 13 PHE A CE1  4 
ATOM   823  C CE2  . PHE A 1 13 ? -9.020 -2.657 0.855  1.00 0.00 ? 13 PHE A CE2  4 
ATOM   824  C CZ   . PHE A 1 13 ? -8.018 -1.695 1.017  1.00 0.00 ? 13 PHE A CZ   4 
ATOM   825  H H    . PHE A 1 13 ? -6.200 -2.936 -3.705 1.00 0.00 ? 13 PHE A H    4 
ATOM   826  H HA   . PHE A 1 13 ? -8.889 -3.158 -4.752 1.00 0.00 ? 13 PHE A HA   4 
ATOM   827  H HB2  . PHE A 1 13 ? -9.413 -4.234 -2.783 1.00 0.00 ? 13 PHE A HB2  4 
ATOM   828  H HB3  . PHE A 1 13 ? -7.677 -4.523 -2.824 1.00 0.00 ? 13 PHE A HB3  4 
ATOM   829  H HD1  . PHE A 1 13 ? -6.617 -1.846 -2.081 1.00 0.00 ? 13 PHE A HD1  4 
ATOM   830  H HD2  . PHE A 1 13 ? -9.929 -4.071 -0.490 1.00 0.00 ? 13 PHE A HD2  4 
ATOM   831  H HE1  . PHE A 1 13 ? -6.380 -0.658 0.083  1.00 0.00 ? 13 PHE A HE1  4 
ATOM   832  H HE2  . PHE A 1 13 ? -9.689 -2.883 1.673  1.00 0.00 ? 13 PHE A HE2  4 
ATOM   833  H HZ   . PHE A 1 13 ? -7.914 -1.176 1.959  1.00 0.00 ? 13 PHE A HZ   4 
HETATM 834  N N    . NH2 A 1 14 ? -8.227 -0.338 -3.966 1.00 0.00 ? 14 NH2 A N    4 
HETATM 835  H HN1  . NH2 A 1 14 ? -7.434 -0.424 -4.536 1.00 0.00 ? 14 NH2 A HN1  4 
HETATM 836  H HN2  . NH2 A 1 14 ? -8.560 0.550  -3.721 1.00 0.00 ? 14 NH2 A HN2  4 
ATOM   837  N N    . GLY A 1 1  ? 6.212  4.020  8.050  1.00 0.00 ? 1  GLY A N    5 
ATOM   838  C CA   . GLY A 1 1  ? 5.391  2.951  8.684  1.00 0.00 ? 1  GLY A CA   5 
ATOM   839  C C    . GLY A 1 1  ? 5.164  1.821  7.685  1.00 0.00 ? 1  GLY A C    5 
ATOM   840  O O    . GLY A 1 1  ? 5.192  2.036  6.474  1.00 0.00 ? 1  GLY A O    5 
ATOM   841  H H1   . GLY A 1 1  ? 7.011  4.260  8.670  1.00 0.00 ? 1  GLY A H1   5 
ATOM   842  H H2   . GLY A 1 1  ? 5.624  4.865  7.898  1.00 0.00 ? 1  GLY A H2   5 
ATOM   843  H H3   . GLY A 1 1  ? 6.577  3.682  7.136  1.00 0.00 ? 1  GLY A H3   5 
ATOM   844  H HA2  . GLY A 1 1  ? 5.909  2.568  9.552  1.00 0.00 ? 1  GLY A HA2  5 
ATOM   845  H HA3  . GLY A 1 1  ? 4.437  3.359  8.983  1.00 0.00 ? 1  GLY A HA3  5 
ATOM   846  N N    . LEU A 1 2  ? 4.943  0.618  8.202  1.00 0.00 ? 2  LEU A N    5 
ATOM   847  C CA   . LEU A 1 2  ? 4.714  -0.542 7.349  1.00 0.00 ? 2  LEU A CA   5 
ATOM   848  C C    . LEU A 1 2  ? 3.392  -0.394 6.603  1.00 0.00 ? 2  LEU A C    5 
ATOM   849  O O    . LEU A 1 2  ? 3.324  -0.593 5.389  1.00 0.00 ? 2  LEU A O    5 
ATOM   850  C CB   . LEU A 1 2  ? 4.696  -1.817 8.207  1.00 0.00 ? 2  LEU A CB   5 
ATOM   851  C CG   . LEU A 1 2  ? 5.208  -3.018 7.396  1.00 0.00 ? 2  LEU A CG   5 
ATOM   852  C CD1  . LEU A 1 2  ? 4.417  -3.137 6.091  1.00 0.00 ? 2  LEU A CD1  5 
ATOM   853  C CD2  . LEU A 1 2  ? 6.702  -2.843 7.082  1.00 0.00 ? 2  LEU A CD2  5 
ATOM   854  H H    . LEU A 1 2  ? 4.934  0.506  9.175  1.00 0.00 ? 2  LEU A H    5 
ATOM   855  H HA   . LEU A 1 2  ? 5.513  -0.607 6.631  1.00 0.00 ? 2  LEU A HA   5 
ATOM   856  H HB2  . LEU A 1 2  ? 5.327  -1.673 9.070  1.00 0.00 ? 2  LEU A HB2  5 
ATOM   857  H HB3  . LEU A 1 2  ? 3.686  -2.014 8.534  1.00 0.00 ? 2  LEU A HB3  5 
ATOM   858  H HG   . LEU A 1 2  ? 5.068  -3.919 7.976  1.00 0.00 ? 2  LEU A HG   5 
ATOM   859  H HD11 . LEU A 1 2  ? 3.369  -2.957 6.285  1.00 0.00 ? 2  LEU A HD11 5 
ATOM   860  H HD12 . LEU A 1 2  ? 4.541  -4.130 5.684  1.00 0.00 ? 2  LEU A HD12 5 
ATOM   861  H HD13 . LEU A 1 2  ? 4.782  -2.410 5.380  1.00 0.00 ? 2  LEU A HD13 5 
ATOM   862  H HD21 . LEU A 1 2  ? 7.185  -3.809 7.091  1.00 0.00 ? 2  LEU A HD21 5 
ATOM   863  H HD22 . LEU A 1 2  ? 7.161  -2.208 7.827  1.00 0.00 ? 2  LEU A HD22 5 
ATOM   864  H HD23 . LEU A 1 2  ? 6.820  -2.393 6.106  1.00 0.00 ? 2  LEU A HD23 5 
ATOM   865  N N    . PHE A 1 3  ? 2.345  -0.040 7.337  1.00 0.00 ? 3  PHE A N    5 
ATOM   866  C CA   . PHE A 1 3  ? 1.027  0.135  6.738  1.00 0.00 ? 3  PHE A CA   5 
ATOM   867  C C    . PHE A 1 3  ? 1.111  1.049  5.519  1.00 0.00 ? 3  PHE A C    5 
ATOM   868  O O    . PHE A 1 3  ? 0.245  1.017  4.646  1.00 0.00 ? 3  PHE A O    5 
ATOM   869  C CB   . PHE A 1 3  ? 0.063  0.735  7.763  1.00 0.00 ? 3  PHE A CB   5 
ATOM   870  C CG   . PHE A 1 3  ? -1.317 0.832  7.161  1.00 0.00 ? 3  PHE A CG   5 
ATOM   871  C CD1  . PHE A 1 3  ? -2.115 -0.314 7.051  1.00 0.00 ? 3  PHE A CD1  5 
ATOM   872  C CD2  . PHE A 1 3  ? -1.802 2.067  6.711  1.00 0.00 ? 3  PHE A CD2  5 
ATOM   873  C CE1  . PHE A 1 3  ? -3.396 -0.226 6.492  1.00 0.00 ? 3  PHE A CE1  5 
ATOM   874  C CE2  . PHE A 1 3  ? -3.083 2.155  6.153  1.00 0.00 ? 3  PHE A CE2  5 
ATOM   875  C CZ   . PHE A 1 3  ? -3.879 1.009  6.044  1.00 0.00 ? 3  PHE A CZ   5 
ATOM   876  H H    . PHE A 1 3  ? 2.463  0.107  8.298  1.00 0.00 ? 3  PHE A H    5 
ATOM   877  H HA   . PHE A 1 3  ? 0.652  -0.828 6.429  1.00 0.00 ? 3  PHE A HA   5 
ATOM   878  H HB2  . PHE A 1 3  ? 0.032  0.103  8.639  1.00 0.00 ? 3  PHE A HB2  5 
ATOM   879  H HB3  . PHE A 1 3  ? 0.404  1.721  8.043  1.00 0.00 ? 3  PHE A HB3  5 
ATOM   880  H HD1  . PHE A 1 3  ? -1.740 -1.267 7.398  1.00 0.00 ? 3  PHE A HD1  5 
ATOM   881  H HD2  . PHE A 1 3  ? -1.188 2.951  6.796  1.00 0.00 ? 3  PHE A HD2  5 
ATOM   882  H HE1  . PHE A 1 3  ? -4.010 -1.110 6.409  1.00 0.00 ? 3  PHE A HE1  5 
ATOM   883  H HE2  . PHE A 1 3  ? -3.457 3.107  5.806  1.00 0.00 ? 3  PHE A HE2  5 
ATOM   884  H HZ   . PHE A 1 3  ? -4.867 1.077  5.613  1.00 0.00 ? 3  PHE A HZ   5 
ATOM   885  N N    . ASP A 1 4  ? 2.162  1.862  5.468  1.00 0.00 ? 4  ASP A N    5 
ATOM   886  C CA   . ASP A 1 4  ? 2.350  2.781  4.350  1.00 0.00 ? 4  ASP A CA   5 
ATOM   887  C C    . ASP A 1 4  ? 2.548  2.011  3.050  1.00 0.00 ? 4  ASP A C    5 
ATOM   888  O O    . ASP A 1 4  ? 2.176  2.483  1.975  1.00 0.00 ? 4  ASP A O    5 
ATOM   889  C CB   . ASP A 1 4  ? 3.564  3.675  4.606  1.00 0.00 ? 4  ASP A CB   5 
ATOM   890  C CG   . ASP A 1 4  ? 3.495  4.260  6.012  1.00 0.00 ? 4  ASP A CG   5 
ATOM   891  O OD1  . ASP A 1 4  ? 3.284  3.497  6.939  1.00 0.00 ? 4  ASP A OD1  5 
ATOM   892  O OD2  . ASP A 1 4  ? 3.651  5.464  6.140  1.00 0.00 ? 4  ASP A OD2  5 
ATOM   893  H H    . ASP A 1 4  ? 2.821  1.844  6.193  1.00 0.00 ? 4  ASP A H    5 
ATOM   894  H HA   . ASP A 1 4  ? 1.473  3.404  4.259  1.00 0.00 ? 4  ASP A HA   5 
ATOM   895  H HB2  . ASP A 1 4  ? 4.467  3.089  4.505  1.00 0.00 ? 4  ASP A HB2  5 
ATOM   896  H HB3  . ASP A 1 4  ? 3.577  4.478  3.884  1.00 0.00 ? 4  ASP A HB3  5 
ATOM   897  N N    . ILE A 1 5  ? 3.135  0.823  3.153  1.00 0.00 ? 5  ILE A N    5 
ATOM   898  C CA   . ILE A 1 5  ? 3.376  -0.002 1.983  1.00 0.00 ? 5  ILE A CA   5 
ATOM   899  C C    . ILE A 1 5  ? 2.068  -0.638 1.515  1.00 0.00 ? 5  ILE A C    5 
ATOM   900  O O    . ILE A 1 5  ? 1.907  -0.957 0.336  1.00 0.00 ? 5  ILE A O    5 
ATOM   901  C CB   . ILE A 1 5  ? 4.413  -1.080 2.340  1.00 0.00 ? 5  ILE A CB   5 
ATOM   902  C CG1  . ILE A 1 5  ? 5.808  -0.626 1.896  1.00 0.00 ? 5  ILE A CG1  5 
ATOM   903  C CG2  . ILE A 1 5  ? 4.074  -2.401 1.652  1.00 0.00 ? 5  ILE A CG2  5 
ATOM   904  C CD1  . ILE A 1 5  ? 6.213  0.625  2.680  1.00 0.00 ? 5  ILE A CD1  5 
ATOM   905  H H    . ILE A 1 5  ? 3.411  0.494  4.032  1.00 0.00 ? 5  ILE A H    5 
ATOM   906  H HA   . ILE A 1 5  ? 3.766  0.618  1.190  1.00 0.00 ? 5  ILE A HA   5 
ATOM   907  H HB   . ILE A 1 5  ? 4.412  -1.229 3.410  1.00 0.00 ? 5  ILE A HB   5 
ATOM   908  H HG12 . ILE A 1 5  ? 6.521  -1.416 2.088  1.00 0.00 ? 5  ILE A HG12 5 
ATOM   909  H HG13 . ILE A 1 5  ? 5.798  -0.399 0.841  1.00 0.00 ? 5  ILE A HG13 5 
ATOM   910  H HG21 . ILE A 1 5  ? 3.865  -2.219 0.609  1.00 0.00 ? 5  ILE A HG21 5 
ATOM   911  H HG22 . ILE A 1 5  ? 3.208  -2.839 2.125  1.00 0.00 ? 5  ILE A HG22 5 
ATOM   912  H HG23 . ILE A 1 5  ? 4.912  -3.074 1.741  1.00 0.00 ? 5  ILE A HG23 5 
ATOM   913  H HD11 . ILE A 1 5  ? 7.233  0.886  2.438  1.00 0.00 ? 5  ILE A HD11 5 
ATOM   914  H HD12 . ILE A 1 5  ? 6.133  0.428  3.739  1.00 0.00 ? 5  ILE A HD12 5 
ATOM   915  H HD13 . ILE A 1 5  ? 5.560  1.444  2.415  1.00 0.00 ? 5  ILE A HD13 5 
ATOM   916  N N    . VAL A 1 6  ? 1.136  -0.814 2.446  1.00 0.00 ? 6  VAL A N    5 
ATOM   917  C CA   . VAL A 1 6  ? -0.154 -1.410 2.119  1.00 0.00 ? 6  VAL A CA   5 
ATOM   918  C C    . VAL A 1 6  ? -1.072 -0.378 1.470  1.00 0.00 ? 6  VAL A C    5 
ATOM   919  O O    . VAL A 1 6  ? -1.957 -0.725 0.689  1.00 0.00 ? 6  VAL A O    5 
ATOM   920  C CB   . VAL A 1 6  ? -0.813 -1.954 3.388  1.00 0.00 ? 6  VAL A CB   5 
ATOM   921  C CG1  . VAL A 1 6  ? -2.069 -2.744 3.015  1.00 0.00 ? 6  VAL A CG1  5 
ATOM   922  C CG2  . VAL A 1 6  ? 0.169  -2.877 4.114  1.00 0.00 ? 6  VAL A CG2  5 
ATOM   923  H H    . VAL A 1 6  ? 1.320  -0.540 3.368  1.00 0.00 ? 6  VAL A H    5 
ATOM   924  H HA   . VAL A 1 6  ? -0.001 -2.226 1.429  1.00 0.00 ? 6  VAL A HA   5 
ATOM   925  H HB   . VAL A 1 6  ? -1.083 -1.132 4.034  1.00 0.00 ? 6  VAL A HB   5 
ATOM   926  H HG11 . VAL A 1 6  ? -1.796 -3.585 2.396  1.00 0.00 ? 6  VAL A HG11 5 
ATOM   927  H HG12 . VAL A 1 6  ? -2.749 -2.103 2.473  1.00 0.00 ? 6  VAL A HG12 5 
ATOM   928  H HG13 . VAL A 1 6  ? -2.550 -3.100 3.914  1.00 0.00 ? 6  VAL A HG13 5 
ATOM   929  H HG21 . VAL A 1 6  ? -0.353 -3.422 4.886  1.00 0.00 ? 6  VAL A HG21 5 
ATOM   930  H HG22 . VAL A 1 6  ? 0.955  -2.286 4.560  1.00 0.00 ? 6  VAL A HG22 5 
ATOM   931  H HG23 . VAL A 1 6  ? 0.598  -3.573 3.409  1.00 0.00 ? 6  VAL A HG23 5 
ATOM   932  N N    . LYS A 1 7  ? -0.855 0.891  1.802  1.00 0.00 ? 7  LYS A N    5 
ATOM   933  C CA   . LYS A 1 7  ? -1.669 1.968  1.249  1.00 0.00 ? 7  LYS A CA   5 
ATOM   934  C C    . LYS A 1 7  ? -1.188 2.346  -0.148 1.00 0.00 ? 7  LYS A C    5 
ATOM   935  O O    . LYS A 1 7  ? -1.950 2.876  -0.953 1.00 0.00 ? 7  LYS A O    5 
ATOM   936  C CB   . LYS A 1 7  ? -1.604 3.193  2.162  1.00 0.00 ? 7  LYS A CB   5 
ATOM   937  C CG   . LYS A 1 7  ? -2.523 4.289  1.612  1.00 0.00 ? 7  LYS A CG   5 
ATOM   938  C CD   . LYS A 1 7  ? -2.747 5.371  2.677  1.00 0.00 ? 7  LYS A CD   5 
ATOM   939  C CE   . LYS A 1 7  ? -1.565 6.345  2.684  1.00 0.00 ? 7  LYS A CE   5 
ATOM   940  N NZ   . LYS A 1 7  ? -1.661 7.249  1.504  1.00 0.00 ? 7  LYS A NZ   5 
ATOM   941  H H    . LYS A 1 7  ? -0.136 1.108  2.432  1.00 0.00 ? 7  LYS A H    5 
ATOM   942  H HA   . LYS A 1 7  ? -2.695 1.636  1.186  1.00 0.00 ? 7  LYS A HA   5 
ATOM   943  H HB2  . LYS A 1 7  ? -1.922 2.916  3.157  1.00 0.00 ? 7  LYS A HB2  5 
ATOM   944  H HB3  . LYS A 1 7  ? -0.589 3.560  2.198  1.00 0.00 ? 7  LYS A HB3  5 
ATOM   945  H HG2  . LYS A 1 7  ? -2.067 4.733  0.738  1.00 0.00 ? 7  LYS A HG2  5 
ATOM   946  H HG3  . LYS A 1 7  ? -3.473 3.855  1.338  1.00 0.00 ? 7  LYS A HG3  5 
ATOM   947  H HD2  . LYS A 1 7  ? -3.655 5.912  2.450  1.00 0.00 ? 7  LYS A HD2  5 
ATOM   948  H HD3  . LYS A 1 7  ? -2.838 4.912  3.649  1.00 0.00 ? 7  LYS A HD3  5 
ATOM   949  H HE2  . LYS A 1 7  ? -1.589 6.933  3.590  1.00 0.00 ? 7  LYS A HE2  5 
ATOM   950  H HE3  . LYS A 1 7  ? -0.640 5.792  2.639  1.00 0.00 ? 7  LYS A HE3  5 
ATOM   951  H HZ1  . LYS A 1 7  ? -2.546 7.062  0.993  1.00 0.00 ? 7  LYS A HZ1  5 
ATOM   952  H HZ2  . LYS A 1 7  ? -0.851 7.079  0.871  1.00 0.00 ? 7  LYS A HZ2  5 
ATOM   953  H HZ3  . LYS A 1 7  ? -1.651 8.239  1.823  1.00 0.00 ? 7  LYS A HZ3  5 
ATOM   954  N N    . SER A 1 8  ? 0.078  2.060  -0.432 1.00 0.00 ? 8  SER A N    5 
ATOM   955  C CA   . SER A 1 8  ? 0.642  2.362  -1.745 1.00 0.00 ? 8  SER A CA   5 
ATOM   956  C C    . SER A 1 8  ? 0.363  1.209  -2.691 1.00 0.00 ? 8  SER A C    5 
ATOM   957  O O    . SER A 1 8  ? 0.386  1.360  -3.912 1.00 0.00 ? 8  SER A O    5 
ATOM   958  C CB   . SER A 1 8  ? 2.150  2.589  -1.634 1.00 0.00 ? 8  SER A CB   5 
ATOM   959  O OG   . SER A 1 8  ? 2.653  3.021  -2.891 1.00 0.00 ? 8  SER A OG   5 
ATOM   960  H H    . SER A 1 8  ? 0.636  1.619  0.244  1.00 0.00 ? 8  SER A H    5 
ATOM   961  H HA   . SER A 1 8  ? 0.176  3.255  -2.135 1.00 0.00 ? 8  SER A HA   5 
ATOM   962  H HB2  . SER A 1 8  ? 2.349  3.346  -0.893 1.00 0.00 ? 8  SER A HB2  5 
ATOM   963  H HB3  . SER A 1 8  ? 2.632  1.665  -1.340 1.00 0.00 ? 8  SER A HB3  5 
ATOM   964  H HG   . SER A 1 8  ? 2.720  3.979  -2.870 1.00 0.00 ? 8  SER A HG   5 
ATOM   965  N N    . LEU A 1 9  ? 0.098  0.057  -2.098 1.00 0.00 ? 9  LEU A N    5 
ATOM   966  C CA   . LEU A 1 9  ? -0.192 -1.146 -2.849 1.00 0.00 ? 9  LEU A CA   5 
ATOM   967  C C    . LEU A 1 9  ? -1.614 -1.092 -3.400 1.00 0.00 ? 9  LEU A C    5 
ATOM   968  O O    . LEU A 1 9  ? -1.880 -1.563 -4.505 1.00 0.00 ? 9  LEU A O    5 
ATOM   969  C CB   . LEU A 1 9  ? 0.007  -2.347 -1.913 1.00 0.00 ? 9  LEU A CB   5 
ATOM   970  C CG   . LEU A 1 9  ? -0.933 -3.499 -2.270 1.00 0.00 ? 9  LEU A CG   5 
ATOM   971  C CD1  . LEU A 1 9  ? -0.464 -4.171 -3.562 1.00 0.00 ? 9  LEU A CD1  5 
ATOM   972  C CD2  . LEU A 1 9  ? -0.911 -4.510 -1.126 1.00 0.00 ? 9  LEU A CD2  5 
ATOM   973  H H    . LEU A 1 9  ? 0.096  0.015  -1.119 1.00 0.00 ? 9  LEU A H    5 
ATOM   974  H HA   . LEU A 1 9  ? 0.501  -1.224 -3.673 1.00 0.00 ? 9  LEU A HA   5 
ATOM   975  H HB2  . LEU A 1 9  ? 1.028  -2.690 -1.988 1.00 0.00 ? 9  LEU A HB2  5 
ATOM   976  H HB3  . LEU A 1 9  ? -0.187 -2.035 -0.897 1.00 0.00 ? 9  LEU A HB3  5 
ATOM   977  H HG   . LEU A 1 9  ? -1.936 -3.125 -2.397 1.00 0.00 ? 9  LEU A HG   5 
ATOM   978  H HD11 . LEU A 1 9  ? -0.405 -3.435 -4.349 1.00 0.00 ? 9  LEU A HD11 5 
ATOM   979  H HD12 . LEU A 1 9  ? -1.166 -4.943 -3.841 1.00 0.00 ? 9  LEU A HD12 5 
ATOM   980  H HD13 . LEU A 1 9  ? 0.510  -4.610 -3.405 1.00 0.00 ? 9  LEU A HD13 5 
ATOM   981  H HD21 . LEU A 1 9  ? -1.261 -4.032 -0.221 1.00 0.00 ? 9  LEU A HD21 5 
ATOM   982  H HD22 . LEU A 1 9  ? 0.098  -4.863 -0.978 1.00 0.00 ? 9  LEU A HD22 5 
ATOM   983  H HD23 . LEU A 1 9  ? -1.555 -5.340 -1.367 1.00 0.00 ? 9  LEU A HD23 5 
ATOM   984  N N    . VAL A 1 10 ? -2.524 -0.511 -2.624 1.00 0.00 ? 10 VAL A N    5 
ATOM   985  C CA   . VAL A 1 10 ? -3.910 -0.401 -3.052 1.00 0.00 ? 10 VAL A CA   5 
ATOM   986  C C    . VAL A 1 10 ? -3.996 0.375  -4.361 1.00 0.00 ? 10 VAL A C    5 
ATOM   987  O O    . VAL A 1 10 ? -4.855 0.104  -5.201 1.00 0.00 ? 10 VAL A O    5 
ATOM   988  C CB   . VAL A 1 10 ? -4.743 0.300  -1.971 1.00 0.00 ? 10 VAL A CB   5 
ATOM   989  C CG1  . VAL A 1 10 ? -4.571 1.820  -2.079 1.00 0.00 ? 10 VAL A CG1  5 
ATOM   990  C CG2  . VAL A 1 10 ? -6.221 -0.057 -2.156 1.00 0.00 ? 10 VAL A CG2  5 
ATOM   991  H H    . VAL A 1 10 ? -2.255 -0.150 -1.754 1.00 0.00 ? 10 VAL A H    5 
ATOM   992  H HA   . VAL A 1 10 ? -4.307 -1.392 -3.210 1.00 0.00 ? 10 VAL A HA   5 
ATOM   993  H HB   . VAL A 1 10 ? -4.412 -0.028 -0.997 1.00 0.00 ? 10 VAL A HB   5 
ATOM   994  H HG11 . VAL A 1 10 ? -4.839 2.280  -1.141 1.00 0.00 ? 10 VAL A HG11 5 
ATOM   995  H HG12 . VAL A 1 10 ? -5.209 2.201  -2.864 1.00 0.00 ? 10 VAL A HG12 5 
ATOM   996  H HG13 . VAL A 1 10 ? -3.543 2.049  -2.312 1.00 0.00 ? 10 VAL A HG13 5 
ATOM   997  H HG21 . VAL A 1 10 ? -6.345 -1.127 -2.070 1.00 0.00 ? 10 VAL A HG21 5 
ATOM   998  H HG22 . VAL A 1 10 ? -6.550 0.266  -3.132 1.00 0.00 ? 10 VAL A HG22 5 
ATOM   999  H HG23 . VAL A 1 10 ? -6.808 0.436  -1.396 1.00 0.00 ? 10 VAL A HG23 5 
ATOM   1000 N N    . SER A 1 11 ? -3.098 1.341  -4.527 1.00 0.00 ? 11 SER A N    5 
ATOM   1001 C CA   . SER A 1 11 ? -3.081 2.147  -5.740 1.00 0.00 ? 11 SER A CA   5 
ATOM   1002 C C    . SER A 1 11 ? -2.622 1.308  -6.930 1.00 0.00 ? 11 SER A C    5 
ATOM   1003 O O    . SER A 1 11 ? -2.803 1.697  -8.084 1.00 0.00 ? 11 SER A O    5 
ATOM   1004 C CB   . SER A 1 11 ? -2.144 3.341  -5.561 1.00 0.00 ? 11 SER A CB   5 
ATOM   1005 O OG   . SER A 1 11 ? -2.166 4.136  -6.739 1.00 0.00 ? 11 SER A OG   5 
ATOM   1006 H H    . SER A 1 11 ? -2.435 1.512  -3.822 1.00 0.00 ? 11 SER A H    5 
ATOM   1007 H HA   . SER A 1 11 ? -4.079 2.512  -5.932 1.00 0.00 ? 11 SER A HA   5 
ATOM   1008 H HB2  . SER A 1 11 ? -2.471 3.936  -4.725 1.00 0.00 ? 11 SER A HB2  5 
ATOM   1009 H HB3  . SER A 1 11 ? -1.140 2.984  -5.373 1.00 0.00 ? 11 SER A HB3  5 
ATOM   1010 H HG   . SER A 1 11 ? -2.066 5.054  -6.479 1.00 0.00 ? 11 SER A HG   5 
ATOM   1011 N N    . ASP A 1 12 ? -2.024 0.155  -6.639 1.00 0.00 ? 12 ASP A N    5 
ATOM   1012 C CA   . ASP A 1 12 ? -1.537 -0.733 -7.691 1.00 0.00 ? 12 ASP A CA   5 
ATOM   1013 C C    . ASP A 1 12 ? -2.613 -1.740 -8.091 1.00 0.00 ? 12 ASP A C    5 
ATOM   1014 O O    . ASP A 1 12 ? -3.332 -1.535 -9.069 1.00 0.00 ? 12 ASP A O    5 
ATOM   1015 C CB   . ASP A 1 12 ? -0.291 -1.480 -7.208 1.00 0.00 ? 12 ASP A CB   5 
ATOM   1016 C CG   . ASP A 1 12 ? 0.792  -0.482 -6.810 1.00 0.00 ? 12 ASP A CG   5 
ATOM   1017 O OD1  . ASP A 1 12 ? 0.441  0.624  -6.431 1.00 0.00 ? 12 ASP A OD1  5 
ATOM   1018 O OD2  . ASP A 1 12 ? 1.956  -0.838 -6.889 1.00 0.00 ? 12 ASP A OD2  5 
ATOM   1019 H H    . ASP A 1 12 ? -1.905 -0.101 -5.700 1.00 0.00 ? 12 ASP A H    5 
ATOM   1020 H HA   . ASP A 1 12 ? -1.272 -0.142 -8.555 1.00 0.00 ? 12 ASP A HA   5 
ATOM   1021 H HB2  . ASP A 1 12 ? -0.547 -2.091 -6.356 1.00 0.00 ? 12 ASP A HB2  5 
ATOM   1022 H HB3  . ASP A 1 12 ? 0.079  -2.109 -8.003 1.00 0.00 ? 12 ASP A HB3  5 
ATOM   1023 N N    . PHE A 1 13 ? -2.714 -2.830 -7.335 1.00 0.00 ? 13 PHE A N    5 
ATOM   1024 C CA   . PHE A 1 13 ? -3.705 -3.860 -7.631 1.00 0.00 ? 13 PHE A CA   5 
ATOM   1025 C C    . PHE A 1 13 ? -5.073 -3.467 -7.078 1.00 0.00 ? 13 PHE A C    5 
ATOM   1026 O O    . PHE A 1 13 ? -6.037 -4.223 -7.199 1.00 0.00 ? 13 PHE A O    5 
ATOM   1027 C CB   . PHE A 1 13 ? -3.256 -5.207 -7.039 1.00 0.00 ? 13 PHE A CB   5 
ATOM   1028 C CG   . PHE A 1 13 ? -3.788 -5.371 -5.629 1.00 0.00 ? 13 PHE A CG   5 
ATOM   1029 C CD1  . PHE A 1 13 ? -3.718 -4.308 -4.720 1.00 0.00 ? 13 PHE A CD1  5 
ATOM   1030 C CD2  . PHE A 1 13 ? -4.353 -6.592 -5.237 1.00 0.00 ? 13 PHE A CD2  5 
ATOM   1031 C CE1  . PHE A 1 13 ? -4.214 -4.467 -3.420 1.00 0.00 ? 13 PHE A CE1  5 
ATOM   1032 C CE2  . PHE A 1 13 ? -4.847 -6.749 -3.936 1.00 0.00 ? 13 PHE A CE2  5 
ATOM   1033 C CZ   . PHE A 1 13 ? -4.777 -5.686 -3.029 1.00 0.00 ? 13 PHE A CZ   5 
ATOM   1034 H H    . PHE A 1 13 ? -2.112 -2.945 -6.569 1.00 0.00 ? 13 PHE A H    5 
ATOM   1035 H HA   . PHE A 1 13 ? -3.784 -3.966 -8.704 1.00 0.00 ? 13 PHE A HA   5 
ATOM   1036 H HB2  . PHE A 1 13 ? -3.628 -6.010 -7.656 1.00 0.00 ? 13 PHE A HB2  5 
ATOM   1037 H HB3  . PHE A 1 13 ? -2.176 -5.244 -7.018 1.00 0.00 ? 13 PHE A HB3  5 
ATOM   1038 H HD1  . PHE A 1 13 ? -3.282 -3.367 -5.021 1.00 0.00 ? 13 PHE A HD1  5 
ATOM   1039 H HD2  . PHE A 1 13 ? -4.407 -7.412 -5.936 1.00 0.00 ? 13 PHE A HD2  5 
ATOM   1040 H HE1  . PHE A 1 13 ? -4.161 -3.649 -2.718 1.00 0.00 ? 13 PHE A HE1  5 
ATOM   1041 H HE2  . PHE A 1 13 ? -5.283 -7.690 -3.635 1.00 0.00 ? 13 PHE A HE2  5 
ATOM   1042 H HZ   . PHE A 1 13 ? -5.159 -5.808 -2.025 1.00 0.00 ? 13 PHE A HZ   5 
HETATM 1043 N N    . NH2 A 1 14 ? -5.214 -2.320 -6.473 1.00 0.00 ? 14 NH2 A N    5 
HETATM 1044 H HN1  . NH2 A 1 14 ? -4.447 -1.719 -6.376 1.00 0.00 ? 14 NH2 A HN1  5 
HETATM 1045 H HN2  . NH2 A 1 14 ? -6.088 -2.059 -6.114 1.00 0.00 ? 14 NH2 A HN2  5 
# 
